data_1IG6
#
_entry.id   1IG6
#
_cell.length_a   1.000
_cell.length_b   1.000
_cell.length_c   1.000
_cell.angle_alpha   90.00
_cell.angle_beta   90.00
_cell.angle_gamma   90.00
#
_symmetry.space_group_name_H-M   'P 1'
#
_entity_poly.entity_id   1
_entity_poly.type   'polypeptide(L)'
_entity_poly.pdbx_seq_one_letter_code
;RADEQAFLVALYKYMKERKTPIERIPYLGFKQINLWTMFQAAQKLGGYETITARRQWKHIYDELGGNPGSTSAATCTRRH
YERLILPYERFIKGEEDKPLPPIKPRK
;
_entity_poly.pdbx_strand_id   A
#
# COMPACT_ATOMS: atom_id res chain seq x y z
N ARG A 1 2.37 -1.88 12.97
CA ARG A 1 1.11 -2.65 12.76
C ARG A 1 -0.14 -1.85 13.12
N ALA A 2 -0.28 -1.47 14.39
CA ALA A 2 -1.52 -0.91 14.93
C ALA A 2 -1.89 0.45 14.30
N ASP A 3 -0.90 1.30 14.02
CA ASP A 3 -1.14 2.61 13.39
C ASP A 3 -1.49 2.50 11.90
N GLU A 4 -0.97 1.49 11.18
CA GLU A 4 -1.37 1.24 9.80
C GLU A 4 -2.83 0.78 9.77
N GLN A 5 -3.19 -0.17 10.66
CA GLN A 5 -4.58 -0.59 10.77
C GLN A 5 -5.51 0.56 11.15
N ALA A 6 -5.16 1.39 12.14
CA ALA A 6 -5.92 2.59 12.49
C ALA A 6 -6.09 3.55 11.29
N PHE A 7 -5.01 3.86 10.57
CA PHE A 7 -5.09 4.75 9.40
C PHE A 7 -5.71 4.08 8.17
N LEU A 8 -5.83 2.74 8.13
CA LEU A 8 -6.59 2.13 7.03
C LEU A 8 -8.07 1.91 7.42
N VAL A 9 -8.42 1.97 8.70
CA VAL A 9 -9.83 2.06 9.13
C VAL A 9 -10.35 3.48 8.87
N ALA A 10 -9.51 4.49 9.09
CA ALA A 10 -9.81 5.86 8.68
C ALA A 10 -9.94 5.99 7.14
N LEU A 11 -9.01 5.38 6.37
CA LEU A 11 -9.22 5.29 4.92
C LEU A 11 -10.48 4.49 4.58
N TYR A 12 -10.77 3.36 5.23
CA TYR A 12 -11.98 2.58 4.95
C TYR A 12 -13.24 3.44 5.06
N LYS A 13 -13.37 4.27 6.10
CA LYS A 13 -14.45 5.26 6.19
C LYS A 13 -14.39 6.26 5.02
N TYR A 14 -13.28 6.96 4.81
CA TYR A 14 -13.20 7.88 3.67
C TYR A 14 -13.47 7.27 2.28
N MET A 15 -12.97 6.07 2.00
CA MET A 15 -13.14 5.41 0.71
C MET A 15 -14.55 4.84 0.54
N LYS A 16 -15.22 4.41 1.62
CA LYS A 16 -16.66 4.09 1.58
C LYS A 16 -17.50 5.34 1.28
N GLU A 17 -17.10 6.49 1.83
CA GLU A 17 -17.68 7.80 1.45
C GLU A 17 -17.24 8.29 0.03
N ARG A 18 -16.41 7.49 -0.67
CA ARG A 18 -16.03 7.77 -2.08
C ARG A 18 -16.46 6.64 -3.04
N LYS A 19 -17.45 5.83 -2.64
CA LYS A 19 -18.08 4.75 -3.42
C LYS A 19 -17.09 3.63 -3.79
N THR A 20 -16.01 3.55 -2.99
CA THR A 20 -14.92 2.59 -3.23
C THR A 20 -14.49 1.91 -1.92
N PRO A 21 -15.41 1.26 -1.16
CA PRO A 21 -15.07 0.61 0.11
C PRO A 21 -14.13 -0.59 -0.07
N ILE A 22 -13.45 -1.00 1.01
CA ILE A 22 -12.70 -2.29 1.04
C ILE A 22 -13.66 -3.49 0.79
N GLU A 23 -14.94 -3.28 1.06
CA GLU A 23 -16.02 -4.21 0.66
C GLU A 23 -16.07 -4.56 -0.85
N ARG A 24 -15.34 -3.84 -1.73
CA ARG A 24 -15.14 -4.19 -3.16
C ARG A 24 -13.69 -4.56 -3.53
N ILE A 25 -12.83 -4.78 -2.52
CA ILE A 25 -11.39 -5.09 -2.62
C ILE A 25 -11.11 -6.35 -1.77
N PRO A 26 -11.49 -7.56 -2.25
CA PRO A 26 -11.51 -8.78 -1.43
C PRO A 26 -10.18 -9.49 -1.18
N TYR A 27 -9.11 -9.28 -1.97
CA TYR A 27 -7.91 -10.12 -1.91
C TYR A 27 -6.61 -9.35 -2.23
N LEU A 28 -5.50 -9.76 -1.61
CA LEU A 28 -4.13 -9.37 -1.92
C LEU A 28 -3.80 -9.88 -3.34
N GLY A 29 -3.65 -11.21 -3.44
CA GLY A 29 -3.60 -11.90 -4.74
C GLY A 29 -3.76 -13.43 -4.62
N PHE A 30 -3.36 -14.01 -3.49
CA PHE A 30 -3.56 -15.43 -3.10
C PHE A 30 -4.26 -15.59 -1.73
N LYS A 31 -4.63 -14.46 -1.11
CA LYS A 31 -5.11 -14.40 0.28
C LYS A 31 -5.96 -13.12 0.46
N GLN A 32 -6.66 -12.94 1.57
CA GLN A 32 -7.31 -11.67 1.95
C GLN A 32 -6.34 -10.47 1.86
N ILE A 33 -6.86 -9.26 1.62
CA ILE A 33 -6.08 -8.01 1.76
C ILE A 33 -5.37 -7.98 3.14
N ASN A 34 -4.09 -7.57 3.11
CA ASN A 34 -3.18 -7.51 4.26
C ASN A 34 -2.31 -6.23 4.12
N LEU A 35 -3.00 -5.10 3.94
CA LEU A 35 -2.44 -3.80 3.52
C LEU A 35 -1.15 -3.36 4.23
N TRP A 36 -1.13 -3.30 5.57
CA TRP A 36 0.06 -2.90 6.36
C TRP A 36 1.35 -3.66 5.94
N THR A 37 1.21 -4.94 5.55
CA THR A 37 2.30 -5.81 5.10
C THR A 37 2.73 -5.52 3.66
N MET A 38 1.80 -5.42 2.69
CA MET A 38 2.17 -5.01 1.32
C MET A 38 2.73 -3.57 1.28
N PHE A 39 2.27 -2.72 2.19
CA PHE A 39 2.83 -1.38 2.37
C PHE A 39 4.28 -1.42 2.83
N GLN A 40 4.60 -2.01 4.00
CA GLN A 40 6.00 -2.05 4.46
C GLN A 40 6.91 -2.85 3.49
N ALA A 41 6.37 -3.84 2.77
CA ALA A 41 7.07 -4.50 1.68
C ALA A 41 7.41 -3.53 0.53
N ALA A 42 6.43 -2.79 0.01
CA ALA A 42 6.65 -1.76 -1.00
C ALA A 42 7.66 -0.69 -0.54
N GLN A 43 7.62 -0.29 0.74
CA GLN A 43 8.55 0.70 1.28
C GLN A 43 9.99 0.17 1.39
N LYS A 44 10.15 -1.17 1.48
CA LYS A 44 11.48 -1.80 1.40
C LYS A 44 11.94 -1.91 -0.05
N LEU A 45 11.04 -2.36 -0.93
CA LEU A 45 11.29 -2.38 -2.37
C LEU A 45 11.26 -0.98 -3.06
N GLY A 46 11.28 0.13 -2.30
CA GLY A 46 11.53 1.48 -2.88
C GLY A 46 10.32 2.41 -3.05
N GLY A 47 9.29 2.18 -2.24
CA GLY A 47 7.98 2.82 -2.40
C GLY A 47 7.30 2.51 -3.73
N TYR A 48 6.05 2.96 -3.86
CA TYR A 48 5.32 2.92 -5.14
C TYR A 48 6.09 3.57 -6.30
N GLU A 49 7.04 4.46 -6.03
CA GLU A 49 7.77 5.18 -7.08
C GLU A 49 8.84 4.33 -7.76
N THR A 50 9.68 3.62 -7.00
CA THR A 50 10.59 2.60 -7.58
C THR A 50 9.79 1.45 -8.19
N ILE A 51 8.67 1.08 -7.56
CA ILE A 51 7.74 0.10 -8.12
C ILE A 51 7.25 0.48 -9.52
N THR A 52 6.86 1.75 -9.72
CA THR A 52 6.38 2.22 -11.04
C THR A 52 7.51 2.36 -12.04
N ALA A 53 8.69 2.80 -11.58
CA ALA A 53 9.88 2.89 -12.44
C ALA A 53 10.45 1.52 -12.85
N ARG A 54 10.18 0.44 -12.11
CA ARG A 54 10.87 -0.86 -12.32
C ARG A 54 9.98 -2.11 -12.42
N ARG A 55 8.66 -2.01 -12.16
CA ARG A 55 7.73 -3.15 -11.99
C ARG A 55 8.30 -4.11 -10.94
N GLN A 56 8.55 -3.53 -9.77
CA GLN A 56 9.23 -4.21 -8.66
C GLN A 56 8.27 -5.07 -7.81
N TRP A 57 6.96 -5.14 -8.13
CA TRP A 57 5.99 -6.01 -7.46
C TRP A 57 6.42 -7.49 -7.44
N LYS A 58 7.15 -7.96 -8.45
CA LYS A 58 7.74 -9.32 -8.42
C LYS A 58 8.70 -9.55 -7.23
N HIS A 59 9.28 -8.49 -6.66
CA HIS A 59 10.07 -8.56 -5.43
C HIS A 59 9.25 -8.22 -4.17
N ILE A 60 8.09 -7.55 -4.31
CA ILE A 60 7.13 -7.44 -3.20
C ILE A 60 6.59 -8.83 -2.94
N TYR A 61 6.25 -9.61 -3.98
CA TYR A 61 5.93 -11.05 -3.88
C TYR A 61 7.04 -11.85 -3.17
N ASP A 62 8.29 -11.40 -3.31
CA ASP A 62 9.43 -11.97 -2.57
C ASP A 62 9.34 -11.68 -1.06
N GLU A 63 9.12 -10.42 -0.68
CA GLU A 63 8.86 -10.06 0.72
C GLU A 63 7.55 -10.67 1.30
N LEU A 64 6.48 -10.80 0.49
CA LEU A 64 5.24 -11.51 0.87
C LEU A 64 5.46 -13.00 1.14
N GLY A 65 6.50 -13.60 0.51
CA GLY A 65 6.67 -15.05 0.50
C GLY A 65 5.46 -15.78 -0.07
N GLY A 66 4.80 -15.20 -1.08
CA GLY A 66 3.50 -15.68 -1.56
C GLY A 66 3.45 -17.10 -2.14
N ASN A 67 2.21 -17.56 -2.38
CA ASN A 67 1.87 -18.90 -2.85
C ASN A 67 2.65 -19.33 -4.13
N PRO A 68 3.22 -20.55 -4.20
CA PRO A 68 3.95 -21.08 -5.36
C PRO A 68 3.02 -21.46 -6.53
N GLY A 69 2.41 -20.42 -7.12
CA GLY A 69 1.47 -20.56 -8.24
C GLY A 69 0.59 -19.32 -8.44
N SER A 70 1.12 -18.16 -8.06
CA SER A 70 0.34 -16.91 -7.98
C SER A 70 1.20 -15.72 -8.45
N THR A 71 1.87 -15.87 -9.60
CA THR A 71 2.62 -14.78 -10.25
C THR A 71 1.75 -13.55 -10.58
N SER A 72 0.43 -13.73 -10.68
CA SER A 72 -0.58 -12.67 -10.75
C SER A 72 -0.69 -11.84 -9.46
N ALA A 73 -0.42 -12.44 -8.29
CA ALA A 73 -0.29 -11.69 -7.04
C ALA A 73 0.88 -10.70 -7.11
N ALA A 74 0.84 -9.65 -6.29
CA ALA A 74 1.70 -8.45 -6.38
C ALA A 74 1.45 -7.63 -7.67
N THR A 75 1.35 -8.27 -8.83
CA THR A 75 1.05 -7.58 -10.10
C THR A 75 -0.39 -7.04 -10.15
N CYS A 76 -1.39 -7.85 -9.78
CA CYS A 76 -2.77 -7.37 -9.59
C CYS A 76 -2.89 -6.48 -8.35
N THR A 77 -2.09 -6.77 -7.31
CA THR A 77 -2.02 -5.94 -6.10
C THR A 77 -1.69 -4.46 -6.38
N ARG A 78 -0.99 -4.14 -7.48
CA ARG A 78 -0.78 -2.73 -7.89
C ARG A 78 -2.10 -1.99 -8.01
N ARG A 79 -3.13 -2.67 -8.53
CA ARG A 79 -4.43 -2.04 -8.76
C ARG A 79 -5.24 -1.82 -7.48
N HIS A 80 -4.98 -2.61 -6.45
CA HIS A 80 -5.50 -2.40 -5.09
C HIS A 80 -4.72 -1.27 -4.40
N TYR A 81 -3.38 -1.31 -4.39
CA TYR A 81 -2.53 -0.30 -3.72
C TYR A 81 -2.80 1.12 -4.22
N GLU A 82 -3.08 1.32 -5.52
CA GLU A 82 -3.29 2.63 -6.13
C GLU A 82 -4.63 3.27 -5.70
N ARG A 83 -5.46 2.52 -4.95
CA ARG A 83 -6.66 3.07 -4.30
C ARG A 83 -6.72 2.82 -2.79
N LEU A 84 -5.80 2.02 -2.23
CA LEU A 84 -5.91 1.54 -0.86
C LEU A 84 -4.79 2.06 0.05
N ILE A 85 -3.76 2.68 -0.52
CA ILE A 85 -2.75 3.44 0.26
C ILE A 85 -1.99 4.49 -0.54
N LEU A 86 -1.90 4.39 -1.87
CA LEU A 86 -1.41 5.51 -2.70
C LEU A 86 -2.09 6.86 -2.36
N PRO A 87 -3.42 6.95 -2.10
CA PRO A 87 -4.03 8.19 -1.62
C PRO A 87 -3.74 8.56 -0.16
N TYR A 88 -3.25 7.64 0.69
CA TYR A 88 -3.00 7.93 2.13
C TYR A 88 -1.52 8.05 2.51
N GLU A 89 -0.57 7.39 1.82
CA GLU A 89 0.87 7.69 1.99
C GLU A 89 1.19 9.18 1.66
N ARG A 90 0.24 9.86 1.00
CA ARG A 90 0.27 11.32 0.82
C ARG A 90 0.49 12.11 2.12
N PHE A 91 -0.03 11.66 3.27
CA PHE A 91 0.31 12.30 4.57
C PHE A 91 1.72 11.95 5.07
N ILE A 92 2.25 10.77 4.72
CA ILE A 92 3.60 10.35 5.15
C ILE A 92 4.65 11.11 4.33
N LYS A 93 4.39 11.26 3.03
CA LYS A 93 5.35 11.83 2.07
C LYS A 93 5.19 13.35 1.87
N GLY A 94 4.17 13.92 2.52
CA GLY A 94 3.88 15.36 2.45
C GLY A 94 3.92 16.06 3.81
N GLU A 95 3.83 15.34 4.93
CA GLU A 95 3.77 15.91 6.29
C GLU A 95 4.54 15.11 7.36
N GLU A 96 5.53 14.30 6.94
CA GLU A 96 6.43 13.58 7.87
C GLU A 96 7.84 13.30 7.28
N ASP A 97 7.94 12.80 6.04
CA ASP A 97 9.24 12.48 5.42
C ASP A 97 10.09 13.72 5.04
N LYS A 98 9.45 14.89 4.97
CA LYS A 98 10.14 16.16 4.66
C LYS A 98 11.20 16.52 5.72
N PRO A 99 12.32 17.15 5.32
CA PRO A 99 13.36 17.64 6.25
C PRO A 99 12.96 18.92 7.02
N LEU A 100 11.76 19.46 6.77
CA LEU A 100 11.28 20.68 7.43
C LEU A 100 9.74 20.77 7.31
N PRO A 101 9.05 21.54 8.19
CA PRO A 101 7.64 21.87 8.01
C PRO A 101 7.44 22.93 6.91
N PRO A 102 6.26 23.03 6.29
CA PRO A 102 6.00 24.00 5.23
C PRO A 102 6.03 25.47 5.70
N ILE A 103 5.83 25.71 7.01
CA ILE A 103 5.82 27.07 7.58
C ILE A 103 7.22 27.70 7.79
N LYS A 104 8.24 27.15 7.13
CA LYS A 104 9.62 27.69 7.16
C LYS A 104 10.31 27.52 5.79
N PRO A 105 11.21 28.45 5.39
CA PRO A 105 12.00 28.32 4.16
C PRO A 105 13.20 27.36 4.30
N ARG A 106 13.66 27.10 5.53
CA ARG A 106 14.84 26.28 5.89
C ARG A 106 14.60 25.49 7.19
N LYS A 107 15.54 24.61 7.54
CA LYS A 107 15.49 23.86 8.80
C LYS A 107 15.53 24.77 10.03
N ARG A 1 2.56 -2.00 13.51
CA ARG A 1 1.20 -2.58 13.30
C ARG A 1 0.06 -1.59 13.57
N ALA A 2 -0.03 -1.05 14.79
CA ALA A 2 -1.22 -0.29 15.21
C ALA A 2 -1.39 1.08 14.53
N ASP A 3 -0.30 1.74 14.13
CA ASP A 3 -0.38 3.01 13.38
C ASP A 3 -0.84 2.80 11.94
N GLU A 4 -0.42 1.69 11.31
CA GLU A 4 -0.90 1.29 9.99
C GLU A 4 -2.38 0.90 10.09
N GLN A 5 -2.72 0.15 11.13
CA GLN A 5 -4.10 -0.24 11.39
C GLN A 5 -5.01 0.99 11.54
N ALA A 6 -4.58 1.99 12.32
CA ALA A 6 -5.32 3.24 12.47
C ALA A 6 -5.43 4.01 11.14
N PHE A 7 -4.31 4.22 10.42
CA PHE A 7 -4.35 4.97 9.16
C PHE A 7 -5.02 4.19 8.02
N LEU A 8 -5.18 2.86 8.11
CA LEU A 8 -5.86 2.11 7.04
C LEU A 8 -7.34 1.87 7.40
N VAL A 9 -7.72 1.94 8.69
CA VAL A 9 -9.15 2.03 9.06
C VAL A 9 -9.67 3.42 8.70
N ALA A 10 -8.85 4.45 8.91
CA ALA A 10 -9.12 5.80 8.41
C ALA A 10 -9.28 5.84 6.87
N LEU A 11 -8.35 5.22 6.12
CA LEU A 11 -8.54 5.02 4.67
C LEU A 11 -9.82 4.26 4.37
N TYR A 12 -10.08 3.13 5.01
CA TYR A 12 -11.26 2.31 4.77
C TYR A 12 -12.57 3.09 5.00
N LYS A 13 -12.62 3.94 6.04
CA LYS A 13 -13.74 4.86 6.28
C LYS A 13 -13.90 5.88 5.15
N TYR A 14 -12.85 6.59 4.74
CA TYR A 14 -12.93 7.54 3.62
C TYR A 14 -13.28 6.86 2.30
N MET A 15 -12.73 5.66 2.06
CA MET A 15 -12.99 4.81 0.91
C MET A 15 -14.48 4.37 0.85
N LYS A 16 -15.05 3.91 1.97
CA LYS A 16 -16.49 3.61 2.04
C LYS A 16 -17.35 4.84 1.77
N GLU A 17 -16.95 5.98 2.31
CA GLU A 17 -17.62 7.27 2.03
C GLU A 17 -17.56 7.64 0.53
N ARG A 18 -16.41 7.37 -0.12
CA ARG A 18 -16.25 7.46 -1.59
C ARG A 18 -17.04 6.40 -2.41
N LYS A 19 -17.86 5.55 -1.77
CA LYS A 19 -18.73 4.51 -2.35
C LYS A 19 -17.95 3.28 -2.85
N THR A 20 -16.87 2.95 -2.13
CA THR A 20 -16.15 1.68 -2.33
C THR A 20 -16.08 0.92 -1.00
N PRO A 21 -16.73 -0.26 -0.85
CA PRO A 21 -16.79 -0.99 0.42
C PRO A 21 -15.53 -1.82 0.75
N ILE A 22 -14.38 -1.49 0.11
CA ILE A 22 -13.15 -2.32 0.12
C ILE A 22 -13.26 -3.76 -0.45
N GLU A 23 -14.40 -4.44 -0.29
CA GLU A 23 -14.58 -5.79 -0.85
C GLU A 23 -14.54 -5.88 -2.39
N ARG A 24 -14.66 -4.75 -3.13
CA ARG A 24 -14.39 -4.70 -4.58
C ARG A 24 -12.94 -5.02 -4.96
N ILE A 25 -12.07 -5.13 -3.94
CA ILE A 25 -10.69 -5.64 -3.94
C ILE A 25 -10.76 -6.95 -3.11
N PRO A 26 -11.15 -8.09 -3.71
CA PRO A 26 -11.54 -9.28 -2.96
C PRO A 26 -10.39 -10.08 -2.30
N TYR A 27 -9.24 -10.22 -2.97
CA TYR A 27 -8.15 -11.08 -2.49
C TYR A 27 -6.76 -10.57 -2.91
N LEU A 28 -5.74 -10.96 -2.14
CA LEU A 28 -4.32 -10.79 -2.42
C LEU A 28 -3.75 -12.10 -3.03
N GLY A 29 -4.45 -12.62 -4.04
CA GLY A 29 -4.06 -13.85 -4.75
C GLY A 29 -4.63 -15.12 -4.12
N PHE A 30 -4.49 -15.26 -2.79
CA PHE A 30 -4.88 -16.46 -2.04
C PHE A 30 -5.33 -16.20 -0.58
N LYS A 31 -5.45 -14.93 -0.18
CA LYS A 31 -5.89 -14.55 1.18
C LYS A 31 -6.52 -13.15 1.21
N GLN A 32 -7.05 -12.74 2.37
CA GLN A 32 -7.50 -11.37 2.65
C GLN A 32 -6.37 -10.34 2.42
N ILE A 33 -6.75 -9.10 2.11
CA ILE A 33 -5.78 -8.00 1.87
C ILE A 33 -4.95 -7.68 3.13
N ASN A 34 -3.72 -8.21 3.20
CA ASN A 34 -2.75 -7.98 4.28
C ASN A 34 -2.05 -6.61 4.16
N LEU A 35 -2.87 -5.55 4.11
CA LEU A 35 -2.52 -4.18 3.73
C LEU A 35 -1.35 -3.51 4.50
N TRP A 36 -1.26 -3.66 5.82
CA TRP A 36 -0.12 -3.13 6.62
C TRP A 36 1.23 -3.79 6.22
N THR A 37 1.21 -5.10 5.92
CA THR A 37 2.37 -5.84 5.40
C THR A 37 2.69 -5.44 3.97
N MET A 38 1.68 -5.26 3.12
CA MET A 38 1.84 -4.72 1.76
C MET A 38 2.44 -3.31 1.78
N PHE A 39 2.03 -2.44 2.71
CA PHE A 39 2.64 -1.12 2.88
C PHE A 39 4.12 -1.20 3.25
N GLN A 40 4.49 -1.90 4.35
CA GLN A 40 5.90 -1.96 4.73
C GLN A 40 6.77 -2.74 3.72
N ALA A 41 6.21 -3.70 2.98
CA ALA A 41 6.88 -4.32 1.85
C ALA A 41 7.11 -3.30 0.73
N ALA A 42 6.08 -2.57 0.30
CA ALA A 42 6.24 -1.53 -0.73
C ALA A 42 7.27 -0.46 -0.31
N GLN A 43 7.31 -0.07 0.96
CA GLN A 43 8.25 0.94 1.45
C GLN A 43 9.70 0.47 1.44
N LYS A 44 9.99 -0.78 1.84
CA LYS A 44 11.36 -1.32 1.80
C LYS A 44 11.77 -1.66 0.37
N LEU A 45 10.81 -2.07 -0.47
CA LEU A 45 11.01 -2.15 -1.92
C LEU A 45 10.98 -0.75 -2.62
N GLY A 46 11.10 0.36 -1.86
CA GLY A 46 11.38 1.69 -2.45
C GLY A 46 10.19 2.61 -2.71
N GLY A 47 9.15 2.44 -1.89
CA GLY A 47 7.83 3.03 -2.10
C GLY A 47 7.24 2.76 -3.49
N TYR A 48 6.05 3.32 -3.74
CA TYR A 48 5.48 3.35 -5.10
C TYR A 48 6.45 3.98 -6.14
N GLU A 49 7.39 4.81 -5.69
CA GLU A 49 8.32 5.50 -6.60
C GLU A 49 9.26 4.52 -7.33
N THR A 50 10.00 3.69 -6.58
CA THR A 50 10.88 2.67 -7.16
C THR A 50 10.06 1.54 -7.78
N ILE A 51 8.88 1.24 -7.24
CA ILE A 51 7.93 0.33 -7.88
C ILE A 51 7.55 0.78 -9.30
N THR A 52 7.37 2.09 -9.52
CA THR A 52 7.06 2.64 -10.86
C THR A 52 8.28 2.59 -11.77
N ALA A 53 9.47 2.85 -11.23
CA ALA A 53 10.72 2.75 -11.99
C ALA A 53 11.13 1.31 -12.38
N ARG A 54 10.66 0.29 -11.64
CA ARG A 54 11.18 -1.10 -11.80
C ARG A 54 10.16 -2.23 -11.96
N ARG A 55 8.85 -2.00 -11.79
CA ARG A 55 7.82 -3.07 -11.66
C ARG A 55 8.27 -4.14 -10.65
N GLN A 56 8.50 -3.61 -9.44
CA GLN A 56 9.14 -4.34 -8.35
C GLN A 56 8.12 -5.04 -7.43
N TRP A 57 6.84 -5.08 -7.83
CA TRP A 57 5.79 -5.90 -7.22
C TRP A 57 6.21 -7.38 -7.10
N LYS A 58 7.03 -7.88 -8.03
CA LYS A 58 7.64 -9.22 -7.91
C LYS A 58 8.51 -9.40 -6.67
N HIS A 59 9.09 -8.33 -6.11
CA HIS A 59 9.79 -8.38 -4.82
C HIS A 59 8.90 -7.97 -3.62
N ILE A 60 7.77 -7.30 -3.85
CA ILE A 60 6.74 -7.16 -2.81
C ILE A 60 6.18 -8.57 -2.55
N TYR A 61 5.91 -9.34 -3.60
CA TYR A 61 5.61 -10.78 -3.54
C TYR A 61 6.71 -11.59 -2.83
N ASP A 62 7.97 -11.17 -2.99
CA ASP A 62 9.09 -11.74 -2.22
C ASP A 62 8.91 -11.55 -0.71
N GLU A 63 8.55 -10.33 -0.27
CA GLU A 63 8.14 -10.08 1.12
C GLU A 63 6.82 -10.75 1.53
N LEU A 64 5.83 -10.91 0.63
CA LEU A 64 4.57 -11.63 0.92
C LEU A 64 4.80 -13.13 1.17
N GLY A 65 5.82 -13.71 0.52
CA GLY A 65 6.00 -15.17 0.50
C GLY A 65 4.79 -15.92 -0.09
N GLY A 66 4.17 -15.33 -1.12
CA GLY A 66 2.87 -15.80 -1.62
C GLY A 66 2.87 -17.17 -2.31
N ASN A 67 1.66 -17.65 -2.62
CA ASN A 67 1.40 -18.87 -3.37
C ASN A 67 2.17 -18.89 -4.73
N PRO A 68 2.95 -19.94 -5.06
CA PRO A 68 3.81 -19.99 -6.24
C PRO A 68 3.18 -19.61 -7.59
N GLY A 69 1.92 -20.00 -7.81
CA GLY A 69 1.20 -19.66 -9.05
C GLY A 69 0.67 -18.21 -9.07
N SER A 70 0.22 -17.72 -7.91
CA SER A 70 -0.41 -16.39 -7.79
C SER A 70 0.59 -15.23 -7.77
N THR A 71 1.80 -15.38 -8.32
CA THR A 71 2.82 -14.32 -8.36
C THR A 71 2.33 -13.00 -9.01
N SER A 72 1.37 -13.11 -9.93
CA SER A 72 0.64 -11.98 -10.55
C SER A 72 -0.22 -11.16 -9.58
N ALA A 73 -0.56 -11.69 -8.40
CA ALA A 73 -1.35 -10.93 -7.42
C ALA A 73 -0.70 -9.61 -6.97
N ALA A 74 0.63 -9.58 -6.75
CA ALA A 74 1.37 -8.33 -6.55
C ALA A 74 1.28 -7.38 -7.76
N THR A 75 1.26 -7.93 -8.97
CA THR A 75 1.07 -7.12 -10.20
C THR A 75 -0.33 -6.52 -10.28
N CYS A 76 -1.39 -7.28 -9.98
CA CYS A 76 -2.78 -6.77 -9.90
C CYS A 76 -2.96 -5.79 -8.74
N THR A 77 -2.27 -6.05 -7.62
CA THR A 77 -2.20 -5.12 -6.49
C THR A 77 -1.75 -3.71 -6.86
N ARG A 78 -1.00 -3.51 -7.97
CA ARG A 78 -0.63 -2.17 -8.44
C ARG A 78 -1.86 -1.34 -8.78
N ARG A 79 -2.96 -1.98 -9.19
CA ARG A 79 -4.20 -1.28 -9.52
C ARG A 79 -5.06 -1.04 -8.27
N HIS A 80 -5.06 -1.99 -7.33
CA HIS A 80 -5.68 -1.80 -6.01
C HIS A 80 -5.03 -0.61 -5.28
N TYR A 81 -3.69 -0.52 -5.29
CA TYR A 81 -2.90 0.50 -4.61
C TYR A 81 -3.31 1.94 -4.93
N GLU A 82 -3.81 2.22 -6.14
CA GLU A 82 -4.22 3.55 -6.61
C GLU A 82 -5.36 4.15 -5.79
N ARG A 83 -6.09 3.31 -5.04
CA ARG A 83 -7.05 3.80 -4.03
C ARG A 83 -6.95 3.14 -2.67
N LEU A 84 -6.33 1.96 -2.58
CA LEU A 84 -6.19 1.24 -1.32
C LEU A 84 -5.17 1.89 -0.37
N ILE A 85 -4.25 2.72 -0.89
CA ILE A 85 -3.21 3.37 -0.08
C ILE A 85 -2.51 4.55 -0.75
N LEU A 86 -2.49 4.71 -2.08
CA LEU A 86 -2.01 5.94 -2.73
C LEU A 86 -2.63 7.23 -2.13
N PRO A 87 -3.94 7.31 -1.79
CA PRO A 87 -4.50 8.47 -1.08
C PRO A 87 -4.05 8.62 0.40
N TYR A 88 -3.35 7.63 0.98
CA TYR A 88 -2.81 7.74 2.35
C TYR A 88 -1.29 7.73 2.47
N GLU A 89 -0.53 6.83 1.85
CA GLU A 89 0.95 6.91 1.84
C GLU A 89 1.49 8.20 1.18
N ARG A 90 0.62 8.93 0.48
CA ARG A 90 0.92 10.30 0.04
C ARG A 90 1.35 11.21 1.20
N PHE A 91 0.93 10.99 2.45
CA PHE A 91 1.45 11.77 3.58
C PHE A 91 2.96 11.60 3.85
N ILE A 92 3.59 10.53 3.34
CA ILE A 92 5.02 10.27 3.59
C ILE A 92 5.94 11.13 2.68
N LYS A 93 5.40 11.61 1.55
CA LYS A 93 6.21 12.25 0.50
C LYS A 93 5.56 13.46 -0.19
N GLY A 94 4.25 13.65 -0.01
CA GLY A 94 3.55 14.87 -0.46
C GLY A 94 3.53 15.94 0.64
N GLU A 95 3.52 15.49 1.91
CA GLU A 95 3.71 16.30 3.12
C GLU A 95 5.10 16.02 3.76
N GLU A 96 6.02 15.52 2.93
CA GLU A 96 7.46 15.27 3.15
C GLU A 96 7.86 14.84 4.57
N ASP A 97 7.71 13.54 4.86
CA ASP A 97 7.91 12.99 6.22
C ASP A 97 8.93 11.84 6.23
N LYS A 98 10.08 12.08 5.56
CA LYS A 98 11.24 11.16 5.59
C LYS A 98 12.58 11.87 5.87
N PRO A 99 12.88 13.08 5.35
CA PRO A 99 14.06 13.86 5.74
C PRO A 99 14.11 14.23 7.23
N LEU A 100 15.27 14.72 7.67
CA LEU A 100 15.45 15.26 9.04
C LEU A 100 16.12 16.66 8.97
N PRO A 101 15.83 17.57 9.91
CA PRO A 101 16.36 18.94 9.88
C PRO A 101 17.88 18.99 10.17
N PRO A 102 18.66 19.81 9.44
CA PRO A 102 20.11 19.94 9.63
C PRO A 102 20.50 20.90 10.78
N ILE A 103 19.52 21.59 11.38
CA ILE A 103 19.77 22.71 12.34
C ILE A 103 20.86 23.73 11.93
N LYS A 104 21.02 23.90 10.60
CA LYS A 104 22.08 24.77 10.02
C LYS A 104 21.67 25.43 8.68
N PRO A 105 20.68 26.37 8.67
CA PRO A 105 20.35 27.18 7.49
C PRO A 105 21.55 27.97 6.94
N ARG A 106 22.41 28.47 7.84
CA ARG A 106 23.69 29.16 7.59
C ARG A 106 24.69 28.78 8.70
N LYS A 107 25.99 29.05 8.49
CA LYS A 107 27.05 28.71 9.47
C LYS A 107 26.82 29.35 10.84
N ARG A 1 3.32 -1.22 12.52
CA ARG A 1 2.09 -2.01 12.26
C ARG A 1 0.80 -1.25 12.62
N ALA A 2 0.64 -0.90 13.90
CA ALA A 2 -0.63 -0.37 14.41
C ALA A 2 -1.04 0.96 13.76
N ASP A 3 -0.09 1.88 13.64
CA ASP A 3 -0.31 3.18 12.98
C ASP A 3 -0.75 3.04 11.51
N GLU A 4 -0.15 2.10 10.77
CA GLU A 4 -0.47 1.86 9.36
C GLU A 4 -1.86 1.26 9.23
N GLN A 5 -2.19 0.27 10.08
CA GLN A 5 -3.52 -0.34 10.03
C GLN A 5 -4.61 0.60 10.57
N ALA A 6 -4.27 1.51 11.49
CA ALA A 6 -5.19 2.52 12.02
C ALA A 6 -5.53 3.55 10.95
N PHE A 7 -4.55 4.05 10.18
CA PHE A 7 -4.85 4.95 9.08
C PHE A 7 -5.58 4.23 7.92
N LEU A 8 -5.20 2.97 7.64
CA LEU A 8 -5.99 2.15 6.69
C LEU A 8 -7.43 1.84 7.13
N VAL A 9 -7.71 1.78 8.45
CA VAL A 9 -9.11 1.71 8.94
C VAL A 9 -9.84 3.04 8.72
N ALA A 10 -9.19 4.15 9.06
CA ALA A 10 -9.73 5.49 8.76
C ALA A 10 -10.03 5.67 7.26
N LEU A 11 -9.14 5.20 6.36
CA LEU A 11 -9.40 5.12 4.93
C LEU A 11 -10.57 4.18 4.62
N TYR A 12 -10.62 2.97 5.17
CA TYR A 12 -11.74 2.04 4.95
C TYR A 12 -13.10 2.68 5.27
N LYS A 13 -13.19 3.43 6.38
CA LYS A 13 -14.39 4.20 6.73
C LYS A 13 -14.69 5.28 5.70
N TYR A 14 -13.71 6.13 5.35
CA TYR A 14 -13.88 7.15 4.29
C TYR A 14 -14.27 6.57 2.93
N MET A 15 -13.83 5.35 2.62
CA MET A 15 -14.07 4.65 1.35
C MET A 15 -15.48 4.08 1.29
N LYS A 16 -15.97 3.49 2.39
CA LYS A 16 -17.40 3.17 2.53
C LYS A 16 -18.23 4.46 2.39
N GLU A 17 -17.69 5.57 2.90
CA GLU A 17 -18.33 6.91 2.74
C GLU A 17 -18.16 7.52 1.32
N ARG A 18 -17.45 6.82 0.43
CA ARG A 18 -17.33 7.20 -1.00
C ARG A 18 -18.06 6.20 -1.93
N LYS A 19 -18.81 5.24 -1.36
CA LYS A 19 -19.51 4.13 -2.04
C LYS A 19 -18.56 3.06 -2.59
N THR A 20 -17.40 2.93 -1.94
CA THR A 20 -16.43 1.85 -2.19
C THR A 20 -16.12 1.13 -0.86
N PRO A 21 -16.99 0.22 -0.38
CA PRO A 21 -16.80 -0.53 0.87
C PRO A 21 -15.70 -1.62 0.80
N ILE A 22 -14.76 -1.47 -0.15
CA ILE A 22 -13.61 -2.39 -0.31
C ILE A 22 -13.87 -3.87 -0.64
N GLU A 23 -15.05 -4.45 -0.40
CA GLU A 23 -15.36 -5.80 -0.93
C GLU A 23 -15.33 -5.90 -2.47
N ARG A 24 -15.40 -4.76 -3.18
CA ARG A 24 -15.15 -4.65 -4.63
C ARG A 24 -13.73 -5.07 -5.05
N ILE A 25 -12.82 -5.19 -4.07
CA ILE A 25 -11.47 -5.77 -4.16
C ILE A 25 -11.50 -7.06 -3.30
N PRO A 26 -11.79 -8.22 -3.91
CA PRO A 26 -12.09 -9.45 -3.19
C PRO A 26 -10.88 -10.10 -2.48
N TYR A 27 -9.67 -9.95 -3.02
CA TYR A 27 -8.47 -10.63 -2.51
C TYR A 27 -7.19 -9.90 -2.94
N LEU A 28 -6.07 -10.18 -2.26
CA LEU A 28 -4.72 -9.84 -2.73
C LEU A 28 -4.46 -10.72 -3.97
N GLY A 29 -4.44 -12.04 -3.73
CA GLY A 29 -4.48 -13.05 -4.81
C GLY A 29 -5.45 -14.20 -4.47
N PHE A 30 -5.26 -14.83 -3.30
CA PHE A 30 -6.16 -15.85 -2.72
C PHE A 30 -6.38 -15.65 -1.20
N LYS A 31 -6.17 -14.42 -0.72
CA LYS A 31 -6.22 -14.08 0.73
C LYS A 31 -6.73 -12.65 0.91
N GLN A 32 -7.28 -12.33 2.08
CA GLN A 32 -7.76 -10.98 2.43
C GLN A 32 -6.67 -9.91 2.20
N ILE A 33 -7.06 -8.72 1.72
CA ILE A 33 -6.18 -7.54 1.69
C ILE A 33 -5.59 -7.24 3.08
N ASN A 34 -4.30 -6.91 3.10
CA ASN A 34 -3.46 -6.73 4.30
C ASN A 34 -2.49 -5.55 4.06
N LEU A 35 -3.04 -4.47 3.47
CA LEU A 35 -2.34 -3.32 2.87
C LEU A 35 -1.13 -2.74 3.64
N TRP A 36 -1.14 -2.68 4.98
CA TRP A 36 0.03 -2.25 5.78
C TRP A 36 1.32 -3.06 5.43
N THR A 37 1.15 -4.36 5.12
CA THR A 37 2.25 -5.27 4.75
C THR A 37 2.79 -4.97 3.36
N MET A 38 1.93 -4.92 2.32
CA MET A 38 2.40 -4.51 0.98
C MET A 38 2.87 -3.04 0.93
N PHE A 39 2.42 -2.18 1.86
CA PHE A 39 3.00 -0.85 2.02
C PHE A 39 4.44 -0.91 2.53
N GLN A 40 4.74 -1.58 3.65
CA GLN A 40 6.14 -1.72 4.08
C GLN A 40 7.00 -2.48 3.05
N ALA A 41 6.42 -3.44 2.33
CA ALA A 41 7.09 -4.10 1.22
C ALA A 41 7.44 -3.10 0.11
N ALA A 42 6.49 -2.29 -0.38
CA ALA A 42 6.73 -1.23 -1.35
C ALA A 42 7.76 -0.18 -0.87
N GLN A 43 7.85 0.05 0.45
CA GLN A 43 8.82 0.97 1.02
C GLN A 43 10.24 0.39 1.15
N LYS A 44 10.38 -0.95 1.22
CA LYS A 44 11.69 -1.61 1.32
C LYS A 44 12.21 -2.11 -0.03
N LEU A 45 11.32 -2.71 -0.81
CA LEU A 45 11.64 -3.14 -2.19
C LEU A 45 11.68 -1.97 -3.20
N GLY A 46 11.52 -0.71 -2.76
CA GLY A 46 11.78 0.42 -3.67
C GLY A 46 11.27 1.81 -3.28
N GLY A 47 10.92 2.07 -2.02
CA GLY A 47 10.44 3.38 -1.57
C GLY A 47 9.30 3.96 -2.41
N TYR A 48 8.42 3.07 -2.90
CA TYR A 48 7.42 3.39 -3.94
C TYR A 48 7.99 3.81 -5.31
N GLU A 49 8.98 4.69 -5.39
CA GLU A 49 9.40 5.26 -6.68
C GLU A 49 10.24 4.29 -7.50
N THR A 50 11.21 3.62 -6.85
CA THR A 50 12.08 2.62 -7.48
C THR A 50 11.35 1.30 -7.71
N ILE A 51 10.28 0.99 -6.97
CA ILE A 51 9.44 -0.20 -7.26
C ILE A 51 8.50 0.07 -8.45
N THR A 52 8.01 1.29 -8.61
CA THR A 52 7.24 1.70 -9.79
C THR A 52 8.13 1.78 -11.04
N ALA A 53 9.31 2.40 -10.92
CA ALA A 53 10.25 2.55 -12.04
C ALA A 53 10.93 1.25 -12.52
N ARG A 54 10.84 0.14 -11.74
CA ARG A 54 11.54 -1.12 -12.07
C ARG A 54 10.68 -2.40 -12.01
N ARG A 55 9.37 -2.28 -11.75
CA ARG A 55 8.40 -3.40 -11.63
C ARG A 55 8.85 -4.40 -10.55
N GLN A 56 8.96 -3.88 -9.33
CA GLN A 56 9.45 -4.69 -8.19
C GLN A 56 8.33 -5.25 -7.31
N TRP A 57 7.06 -5.13 -7.73
CA TRP A 57 5.89 -5.83 -7.14
C TRP A 57 6.15 -7.34 -7.05
N LYS A 58 6.91 -7.92 -8.01
CA LYS A 58 7.43 -9.30 -7.94
C LYS A 58 8.25 -9.62 -6.68
N HIS A 59 8.83 -8.60 -6.03
CA HIS A 59 9.52 -8.77 -4.74
C HIS A 59 8.60 -8.43 -3.53
N ILE A 60 7.45 -7.77 -3.73
CA ILE A 60 6.41 -7.71 -2.70
C ILE A 60 5.84 -9.12 -2.55
N TYR A 61 5.57 -9.81 -3.67
CA TYR A 61 5.24 -11.24 -3.67
C TYR A 61 6.27 -12.09 -2.90
N ASP A 62 7.56 -11.74 -3.04
CA ASP A 62 8.63 -12.34 -2.21
C ASP A 62 8.42 -12.09 -0.70
N GLU A 63 8.14 -10.84 -0.30
CA GLU A 63 7.75 -10.53 1.09
C GLU A 63 6.44 -11.23 1.55
N LEU A 64 5.43 -11.42 0.68
CA LEU A 64 4.19 -12.13 1.01
C LEU A 64 4.41 -13.60 1.39
N GLY A 65 5.46 -14.23 0.85
CA GLY A 65 5.67 -15.68 1.00
C GLY A 65 4.54 -16.51 0.36
N GLY A 66 3.98 -16.03 -0.75
CA GLY A 66 2.83 -16.67 -1.41
C GLY A 66 3.15 -18.03 -2.07
N ASN A 67 2.09 -18.68 -2.57
CA ASN A 67 2.18 -19.92 -3.35
C ASN A 67 3.07 -19.74 -4.61
N PRO A 68 3.84 -20.76 -5.04
CA PRO A 68 4.70 -20.70 -6.23
C PRO A 68 4.09 -20.18 -7.55
N GLY A 69 2.76 -20.20 -7.68
CA GLY A 69 2.06 -19.62 -8.84
C GLY A 69 1.02 -18.56 -8.44
N SER A 70 1.45 -17.63 -7.56
CA SER A 70 0.67 -16.41 -7.26
C SER A 70 1.48 -15.17 -7.66
N THR A 71 2.40 -15.35 -8.62
CA THR A 71 3.46 -14.45 -9.10
C THR A 71 3.02 -13.12 -9.72
N SER A 72 1.71 -12.85 -9.81
CA SER A 72 1.14 -11.56 -10.25
C SER A 72 0.12 -10.95 -9.28
N ALA A 73 -0.17 -11.61 -8.15
CA ALA A 73 -0.99 -11.00 -7.09
C ALA A 73 -0.48 -9.63 -6.62
N ALA A 74 0.84 -9.44 -6.47
CA ALA A 74 1.48 -8.15 -6.25
C ALA A 74 1.31 -7.16 -7.42
N THR A 75 1.30 -7.65 -8.65
CA THR A 75 1.02 -6.82 -9.84
C THR A 75 -0.42 -6.32 -9.86
N CYS A 76 -1.40 -7.18 -9.55
CA CYS A 76 -2.80 -6.80 -9.34
C CYS A 76 -2.98 -5.88 -8.11
N THR A 77 -2.19 -6.10 -7.06
CA THR A 77 -2.17 -5.23 -5.87
C THR A 77 -1.80 -3.79 -6.19
N ARG A 78 -1.02 -3.51 -7.26
CA ARG A 78 -0.70 -2.14 -7.66
C ARG A 78 -1.97 -1.37 -8.03
N ARG A 79 -3.00 -2.06 -8.53
CA ARG A 79 -4.28 -1.43 -8.84
C ARG A 79 -5.04 -1.05 -7.56
N HIS A 80 -5.03 -1.95 -6.59
CA HIS A 80 -5.68 -1.76 -5.28
C HIS A 80 -4.98 -0.62 -4.52
N TYR A 81 -3.64 -0.63 -4.48
CA TYR A 81 -2.77 0.38 -3.87
C TYR A 81 -3.07 1.81 -4.34
N GLU A 82 -3.43 2.00 -5.62
CA GLU A 82 -3.73 3.31 -6.22
C GLU A 82 -4.98 3.97 -5.64
N ARG A 83 -5.80 3.20 -4.90
CA ARG A 83 -6.93 3.75 -4.14
C ARG A 83 -6.94 3.41 -2.65
N LEU A 84 -6.24 2.35 -2.23
CA LEU A 84 -6.25 1.91 -0.83
C LEU A 84 -5.13 2.52 0.01
N ILE A 85 -4.10 3.12 -0.60
CA ILE A 85 -3.07 3.86 0.15
C ILE A 85 -2.41 5.01 -0.59
N LEU A 86 -2.36 5.04 -1.93
CA LEU A 86 -1.90 6.20 -2.69
C LEU A 86 -2.60 7.55 -2.35
N PRO A 87 -3.84 7.60 -1.82
CA PRO A 87 -4.40 8.85 -1.25
C PRO A 87 -4.01 9.10 0.22
N TYR A 88 -3.43 8.12 0.93
CA TYR A 88 -3.10 8.24 2.37
C TYR A 88 -1.59 8.27 2.68
N GLU A 89 -0.75 7.34 2.20
CA GLU A 89 0.73 7.49 2.30
C GLU A 89 1.25 8.78 1.63
N ARG A 90 0.39 9.40 0.83
CA ARG A 90 0.59 10.76 0.32
C ARG A 90 0.94 11.76 1.42
N PHE A 91 0.42 11.65 2.64
CA PHE A 91 0.80 12.58 3.72
C PHE A 91 2.24 12.44 4.26
N ILE A 92 2.99 11.39 3.89
CA ILE A 92 4.43 11.29 4.18
C ILE A 92 5.30 11.32 2.92
N LYS A 93 4.68 11.45 1.74
CA LYS A 93 5.41 11.54 0.46
C LYS A 93 5.19 12.87 -0.29
N GLY A 94 4.08 13.58 0.00
CA GLY A 94 3.78 14.89 -0.60
C GLY A 94 3.56 15.99 0.43
N GLU A 95 3.34 15.63 1.70
CA GLU A 95 3.31 16.57 2.85
C GLU A 95 4.33 16.21 3.96
N GLU A 96 5.20 15.25 3.64
CA GLU A 96 6.37 14.77 4.41
C GLU A 96 6.25 14.83 5.95
N ASP A 97 5.12 14.35 6.51
CA ASP A 97 4.85 14.46 7.96
C ASP A 97 5.65 13.49 8.88
N LYS A 98 6.89 13.15 8.48
CA LYS A 98 7.79 12.29 9.27
C LYS A 98 9.27 12.68 9.05
N PRO A 99 10.19 12.37 9.99
CA PRO A 99 11.63 12.61 9.82
C PRO A 99 12.35 11.65 8.87
N LEU A 100 11.63 10.63 8.35
CA LEU A 100 12.20 9.63 7.44
C LEU A 100 11.29 9.38 6.20
N PRO A 101 11.01 10.39 5.34
CA PRO A 101 10.22 10.22 4.12
C PRO A 101 10.71 9.08 3.20
N PRO A 102 9.84 8.52 2.32
CA PRO A 102 10.14 7.46 1.36
C PRO A 102 11.50 7.59 0.65
N ILE A 103 12.43 6.69 0.99
CA ILE A 103 13.84 6.73 0.52
C ILE A 103 14.47 8.14 0.38
N LYS A 104 14.14 9.05 1.32
CA LYS A 104 14.57 10.46 1.27
C LYS A 104 14.60 11.07 2.69
N PRO A 105 15.46 10.55 3.61
CA PRO A 105 15.42 10.89 5.02
C PRO A 105 15.76 12.37 5.32
N ARG A 106 15.34 12.85 6.50
CA ARG A 106 15.44 14.26 6.94
C ARG A 106 16.07 14.41 8.34
N LYS A 107 16.53 13.30 8.95
CA LYS A 107 17.14 13.30 10.28
C LYS A 107 18.35 12.37 10.34
N ARG A 1 2.56 -2.03 12.46
CA ARG A 1 1.26 -2.73 12.37
C ARG A 1 0.07 -1.85 12.71
N ALA A 2 -0.04 -1.44 13.98
CA ALA A 2 -1.25 -0.79 14.51
C ALA A 2 -1.53 0.57 13.88
N ASP A 3 -0.48 1.33 13.54
CA ASP A 3 -0.63 2.63 12.88
C ASP A 3 -1.12 2.49 11.43
N GLU A 4 -0.65 1.47 10.71
CA GLU A 4 -1.09 1.19 9.34
C GLU A 4 -2.56 0.80 9.35
N GLN A 5 -2.93 -0.10 10.27
CA GLN A 5 -4.32 -0.53 10.40
C GLN A 5 -5.23 0.60 10.84
N ALA A 6 -4.79 1.46 11.78
CA ALA A 6 -5.54 2.65 12.15
C ALA A 6 -5.76 3.59 10.94
N PHE A 7 -4.72 3.86 10.15
CA PHE A 7 -4.84 4.73 8.98
C PHE A 7 -5.54 4.06 7.77
N LEU A 8 -5.61 2.71 7.73
CA LEU A 8 -6.41 2.07 6.68
C LEU A 8 -7.87 1.87 7.11
N VAL A 9 -8.16 1.81 8.42
CA VAL A 9 -9.55 1.91 8.91
C VAL A 9 -10.11 3.32 8.67
N ALA A 10 -9.27 4.34 8.91
CA ALA A 10 -9.62 5.72 8.59
C ALA A 10 -9.87 5.95 7.08
N LEU A 11 -8.98 5.43 6.21
CA LEU A 11 -9.26 5.45 4.76
C LEU A 11 -10.48 4.61 4.39
N TYR A 12 -10.69 3.41 4.95
CA TYR A 12 -11.89 2.60 4.72
C TYR A 12 -13.17 3.41 4.98
N LYS A 13 -13.21 4.18 6.08
CA LYS A 13 -14.31 5.12 6.35
C LYS A 13 -14.41 6.16 5.25
N TYR A 14 -13.34 6.89 4.93
CA TYR A 14 -13.37 7.84 3.79
C TYR A 14 -13.77 7.22 2.43
N MET A 15 -13.50 5.94 2.20
CA MET A 15 -13.84 5.22 0.96
C MET A 15 -15.32 4.85 0.87
N LYS A 16 -15.93 4.33 1.94
CA LYS A 16 -17.40 4.17 1.99
C LYS A 16 -18.13 5.51 2.08
N GLU A 17 -17.41 6.57 2.48
CA GLU A 17 -17.93 7.95 2.40
C GLU A 17 -17.83 8.55 0.98
N ARG A 18 -17.23 7.81 0.03
CA ARG A 18 -17.19 8.20 -1.38
C ARG A 18 -18.18 7.41 -2.22
N LYS A 19 -17.83 6.16 -2.54
CA LYS A 19 -18.55 5.21 -3.44
C LYS A 19 -17.80 3.88 -3.64
N THR A 20 -16.83 3.59 -2.78
CA THR A 20 -15.86 2.52 -3.04
C THR A 20 -15.72 1.58 -1.83
N PRO A 21 -16.76 0.77 -1.47
CA PRO A 21 -16.66 -0.27 -0.44
C PRO A 21 -15.38 -1.11 -0.59
N ILE A 22 -14.57 -1.17 0.47
CA ILE A 22 -13.22 -1.74 0.39
C ILE A 22 -13.17 -3.21 -0.04
N GLU A 23 -14.20 -3.99 0.30
CA GLU A 23 -14.27 -5.41 -0.08
C GLU A 23 -14.38 -5.70 -1.60
N ARG A 24 -14.51 -4.68 -2.46
CA ARG A 24 -14.41 -4.83 -3.93
C ARG A 24 -13.08 -5.41 -4.40
N ILE A 25 -12.04 -5.30 -3.57
CA ILE A 25 -10.69 -5.80 -3.81
C ILE A 25 -10.65 -7.34 -3.96
N PRO A 26 -9.82 -7.92 -4.85
CA PRO A 26 -9.56 -9.35 -4.91
C PRO A 26 -8.62 -9.82 -3.78
N TYR A 27 -8.12 -11.06 -3.85
CA TYR A 27 -7.24 -11.62 -2.81
C TYR A 27 -5.75 -11.58 -3.22
N LEU A 28 -4.86 -11.62 -2.22
CA LEU A 28 -3.39 -11.61 -2.37
C LEU A 28 -2.83 -13.01 -2.69
N GLY A 29 -3.56 -13.81 -3.48
CA GLY A 29 -3.17 -15.18 -3.83
C GLY A 29 -3.51 -16.20 -2.72
N PHE A 30 -3.23 -15.85 -1.46
CA PHE A 30 -3.53 -16.65 -0.28
C PHE A 30 -3.98 -15.85 0.96
N LYS A 31 -3.98 -14.50 0.88
CA LYS A 31 -4.27 -13.63 2.04
C LYS A 31 -5.30 -12.55 1.70
N GLN A 32 -5.97 -12.03 2.73
CA GLN A 32 -7.08 -11.07 2.66
C GLN A 32 -6.63 -9.61 2.40
N ILE A 33 -5.61 -9.42 1.57
CA ILE A 33 -4.91 -8.12 1.40
C ILE A 33 -4.44 -7.57 2.77
N ASN A 34 -3.42 -8.23 3.32
CA ASN A 34 -2.72 -7.84 4.56
C ASN A 34 -1.88 -6.55 4.34
N LEU A 35 -2.56 -5.44 4.04
CA LEU A 35 -1.96 -4.20 3.53
C LEU A 35 -0.74 -3.69 4.29
N TRP A 36 -0.74 -3.69 5.63
CA TRP A 36 0.39 -3.23 6.44
C TRP A 36 1.73 -3.94 6.09
N THR A 37 1.72 -5.25 5.80
CA THR A 37 2.93 -5.97 5.37
C THR A 37 3.32 -5.72 3.92
N MET A 38 2.37 -5.66 2.97
CA MET A 38 2.73 -5.32 1.58
C MET A 38 3.19 -3.85 1.46
N PHE A 39 2.70 -2.97 2.33
CA PHE A 39 3.22 -1.60 2.45
C PHE A 39 4.65 -1.55 3.00
N GLN A 40 4.95 -2.15 4.16
CA GLN A 40 6.33 -2.13 4.67
C GLN A 40 7.31 -2.91 3.76
N ALA A 41 6.86 -3.98 3.10
CA ALA A 41 7.59 -4.67 2.05
C ALA A 41 7.92 -3.73 0.88
N ALA A 42 6.92 -3.00 0.37
CA ALA A 42 7.12 -1.97 -0.64
C ALA A 42 8.14 -0.91 -0.18
N GLN A 43 8.16 -0.51 1.09
CA GLN A 43 9.11 0.49 1.61
C GLN A 43 10.56 0.00 1.58
N LYS A 44 10.80 -1.29 1.87
CA LYS A 44 12.14 -1.90 1.71
C LYS A 44 12.50 -2.00 0.24
N LEU A 45 11.52 -2.42 -0.57
CA LEU A 45 11.61 -2.41 -2.03
C LEU A 45 11.54 -0.98 -2.68
N GLY A 46 11.68 0.10 -1.89
CA GLY A 46 11.86 1.46 -2.45
C GLY A 46 10.59 2.33 -2.59
N GLY A 47 9.62 2.03 -1.74
CA GLY A 47 8.27 2.62 -1.78
C GLY A 47 7.54 2.42 -3.12
N TYR A 48 6.33 2.99 -3.19
CA TYR A 48 5.58 3.10 -4.46
C TYR A 48 6.40 3.72 -5.60
N GLU A 49 7.40 4.55 -5.27
CA GLU A 49 8.18 5.28 -6.29
C GLU A 49 9.15 4.37 -7.04
N THR A 50 9.92 3.53 -6.35
CA THR A 50 10.74 2.49 -7.00
C THR A 50 9.87 1.37 -7.55
N ILE A 51 8.71 1.08 -6.96
CA ILE A 51 7.71 0.18 -7.55
C ILE A 51 7.26 0.67 -8.95
N THR A 52 7.03 1.97 -9.09
CA THR A 52 6.60 2.57 -10.37
C THR A 52 7.74 2.64 -11.37
N ALA A 53 8.95 3.00 -10.91
CA ALA A 53 10.13 3.08 -11.76
C ALA A 53 10.71 1.71 -12.18
N ARG A 54 10.48 0.65 -11.39
CA ARG A 54 11.21 -0.62 -11.59
C ARG A 54 10.38 -1.90 -11.44
N ARG A 55 9.04 -1.82 -11.52
CA ARG A 55 8.09 -2.96 -11.59
C ARG A 55 8.29 -3.93 -10.43
N GLN A 56 8.39 -3.38 -9.22
CA GLN A 56 8.82 -4.14 -8.04
C GLN A 56 7.68 -4.92 -7.34
N TRP A 57 6.44 -4.91 -7.87
CA TRP A 57 5.39 -5.81 -7.36
C TRP A 57 5.82 -7.28 -7.40
N LYS A 58 6.58 -7.69 -8.41
CA LYS A 58 7.19 -9.05 -8.48
C LYS A 58 8.13 -9.36 -7.31
N HIS A 59 8.66 -8.34 -6.63
CA HIS A 59 9.39 -8.52 -5.38
C HIS A 59 8.52 -8.27 -4.13
N ILE A 60 7.35 -7.62 -4.22
CA ILE A 60 6.36 -7.64 -3.13
C ILE A 60 5.83 -9.08 -3.02
N TYR A 61 5.69 -9.77 -4.16
CA TYR A 61 5.46 -11.21 -4.24
C TYR A 61 6.63 -12.02 -3.60
N ASP A 62 7.83 -11.43 -3.54
CA ASP A 62 8.94 -12.01 -2.75
C ASP A 62 8.69 -11.88 -1.23
N GLU A 63 8.42 -10.65 -0.78
CA GLU A 63 8.22 -10.39 0.66
C GLU A 63 6.92 -10.96 1.27
N LEU A 64 5.81 -11.02 0.51
CA LEU A 64 4.49 -11.46 1.02
C LEU A 64 4.43 -12.96 1.39
N GLY A 65 5.39 -13.76 0.91
CA GLY A 65 5.41 -15.22 1.14
C GLY A 65 5.11 -16.05 -0.12
N GLY A 66 5.05 -15.41 -1.29
CA GLY A 66 4.68 -16.10 -2.55
C GLY A 66 3.34 -16.86 -2.58
N ASN A 67 3.12 -17.56 -3.69
CA ASN A 67 2.07 -18.54 -3.94
C ASN A 67 2.46 -19.40 -5.16
N PRO A 68 2.23 -20.74 -5.18
CA PRO A 68 2.65 -21.61 -6.27
C PRO A 68 2.29 -21.15 -7.68
N GLY A 69 1.02 -20.77 -7.89
CA GLY A 69 0.54 -20.35 -9.22
C GLY A 69 0.00 -18.91 -9.31
N SER A 70 -0.45 -18.31 -8.20
CA SER A 70 -1.05 -16.96 -8.20
C SER A 70 -0.01 -15.83 -8.24
N THR A 71 1.05 -15.97 -9.04
CA THR A 71 2.17 -15.02 -9.17
C THR A 71 1.73 -13.59 -9.56
N SER A 72 0.55 -13.44 -10.18
CA SER A 72 -0.08 -12.15 -10.51
C SER A 72 -0.62 -11.38 -9.29
N ALA A 73 -0.67 -11.99 -8.10
CA ALA A 73 -1.27 -11.33 -6.92
C ALA A 73 -0.76 -9.91 -6.62
N ALA A 74 0.55 -9.71 -6.43
CA ALA A 74 1.17 -8.39 -6.31
C ALA A 74 0.92 -7.47 -7.52
N THR A 75 0.80 -8.03 -8.73
CA THR A 75 0.47 -7.25 -9.93
C THR A 75 -0.99 -6.76 -9.93
N CYS A 76 -1.94 -7.56 -9.47
CA CYS A 76 -3.33 -7.15 -9.27
C CYS A 76 -3.47 -6.18 -8.09
N THR A 77 -2.68 -6.38 -7.03
CA THR A 77 -2.57 -5.39 -5.94
C THR A 77 -2.32 -3.97 -6.45
N ARG A 78 -1.59 -3.76 -7.56
CA ARG A 78 -1.27 -2.42 -8.04
C ARG A 78 -2.50 -1.57 -8.30
N ARG A 79 -3.59 -2.20 -8.78
CA ARG A 79 -4.79 -1.45 -9.19
C ARG A 79 -5.75 -1.12 -8.05
N HIS A 80 -5.48 -1.66 -6.85
CA HIS A 80 -6.20 -1.34 -5.62
C HIS A 80 -5.30 -0.59 -4.62
N TYR A 81 -3.98 -0.77 -4.67
CA TYR A 81 -2.99 0.06 -3.97
C TYR A 81 -3.11 1.53 -4.38
N GLU A 82 -3.48 1.80 -5.64
CA GLU A 82 -3.73 3.16 -6.14
C GLU A 82 -5.01 3.80 -5.58
N ARG A 83 -5.79 3.06 -4.76
CA ARG A 83 -6.92 3.63 -4.01
C ARG A 83 -6.90 3.33 -2.50
N LEU A 84 -6.16 2.32 -2.03
CA LEU A 84 -6.13 1.94 -0.61
C LEU A 84 -4.90 2.46 0.14
N ILE A 85 -3.92 3.08 -0.55
CA ILE A 85 -2.80 3.75 0.15
C ILE A 85 -2.14 4.87 -0.65
N LEU A 86 -2.21 4.88 -1.99
CA LEU A 86 -1.81 6.05 -2.78
C LEU A 86 -2.47 7.38 -2.31
N PRO A 87 -3.75 7.44 -1.88
CA PRO A 87 -4.30 8.65 -1.27
C PRO A 87 -3.80 8.94 0.16
N TYR A 88 -3.25 7.96 0.89
CA TYR A 88 -2.78 8.17 2.28
C TYR A 88 -1.26 8.37 2.41
N GLU A 89 -0.44 7.71 1.59
CA GLU A 89 1.02 8.03 1.49
C GLU A 89 1.29 9.52 1.18
N ARG A 90 0.25 10.22 0.73
CA ARG A 90 0.31 11.68 0.57
C ARG A 90 0.70 12.43 1.84
N PHE A 91 0.39 11.93 3.04
CA PHE A 91 0.89 12.53 4.29
C PHE A 91 2.43 12.56 4.43
N ILE A 92 3.18 11.72 3.70
CA ILE A 92 4.64 11.71 3.78
C ILE A 92 5.32 12.80 2.92
N LYS A 93 4.54 13.48 2.06
CA LYS A 93 5.09 14.41 1.06
C LYS A 93 4.29 15.71 0.88
N GLY A 94 3.03 15.74 1.34
CA GLY A 94 2.23 16.98 1.35
C GLY A 94 2.50 17.84 2.59
N GLU A 95 2.68 17.21 3.76
CA GLU A 95 3.03 17.86 5.04
C GLU A 95 4.10 17.09 5.84
N GLU A 96 4.79 16.18 5.15
CA GLU A 96 5.80 15.21 5.66
C GLU A 96 5.66 14.79 7.13
N ASP A 97 4.57 14.11 7.50
CA ASP A 97 4.32 13.70 8.90
C ASP A 97 5.19 12.52 9.38
N LYS A 98 6.08 12.01 8.51
CA LYS A 98 7.00 10.89 8.83
C LYS A 98 6.45 9.76 9.75
N PRO A 99 5.29 9.14 9.43
CA PRO A 99 4.65 8.12 10.29
C PRO A 99 5.25 6.70 10.16
N LEU A 100 6.23 6.49 9.27
CA LEU A 100 6.76 5.14 8.97
C LEU A 100 7.30 4.37 10.20
N PRO A 101 7.25 3.01 10.17
CA PRO A 101 7.88 2.15 11.17
C PRO A 101 9.43 2.27 11.16
N PRO A 102 10.15 1.64 12.13
CA PRO A 102 11.61 1.72 12.29
C PRO A 102 12.52 1.46 11.07
N ILE A 103 11.98 0.97 9.94
CA ILE A 103 12.76 0.89 8.67
C ILE A 103 12.90 2.22 7.90
N LYS A 104 12.40 3.29 8.53
CA LYS A 104 12.46 4.66 7.95
C LYS A 104 13.89 5.08 7.58
N PRO A 105 14.12 5.72 6.42
CA PRO A 105 15.39 6.37 6.07
C PRO A 105 15.88 7.42 7.09
N ARG A 106 17.11 7.91 6.91
CA ARG A 106 17.79 8.92 7.76
C ARG A 106 17.08 10.29 7.91
N LYS A 107 16.05 10.55 7.10
CA LYS A 107 15.25 11.78 7.19
C LYS A 107 13.78 11.46 6.91
N ARG A 1 2.43 -1.36 13.41
CA ARG A 1 1.10 -1.97 13.12
C ARG A 1 -0.07 -1.03 13.37
N ALA A 2 -0.20 -0.48 14.57
CA ALA A 2 -1.40 0.25 14.98
C ALA A 2 -1.59 1.62 14.29
N ASP A 3 -0.51 2.30 13.90
CA ASP A 3 -0.60 3.56 13.15
C ASP A 3 -1.06 3.33 11.69
N GLU A 4 -0.60 2.24 11.08
CA GLU A 4 -1.08 1.81 9.76
C GLU A 4 -2.55 1.42 9.87
N GLN A 5 -2.88 0.64 10.91
CA GLN A 5 -4.24 0.22 11.15
C GLN A 5 -5.18 1.42 11.31
N ALA A 6 -4.78 2.44 12.07
CA ALA A 6 -5.55 3.67 12.22
C ALA A 6 -5.71 4.42 10.89
N PHE A 7 -4.62 4.63 10.14
CA PHE A 7 -4.69 5.34 8.86
C PHE A 7 -5.36 4.52 7.73
N LEU A 8 -5.46 3.19 7.88
CA LEU A 8 -6.15 2.38 6.86
C LEU A 8 -7.62 2.18 7.24
N VAL A 9 -7.99 2.27 8.52
CA VAL A 9 -9.41 2.37 8.92
C VAL A 9 -9.95 3.73 8.50
N ALA A 10 -9.15 4.78 8.67
CA ALA A 10 -9.48 6.11 8.15
C ALA A 10 -9.69 6.11 6.62
N LEU A 11 -8.75 5.54 5.84
CA LEU A 11 -8.98 5.34 4.40
C LEU A 11 -10.22 4.47 4.11
N TYR A 12 -10.39 3.34 4.81
CA TYR A 12 -11.55 2.46 4.64
C TYR A 12 -12.88 3.19 4.86
N LYS A 13 -12.98 4.04 5.90
CA LYS A 13 -14.16 4.88 6.14
C LYS A 13 -14.38 5.88 5.01
N TYR A 14 -13.34 6.56 4.53
CA TYR A 14 -13.48 7.49 3.40
C TYR A 14 -13.84 6.78 2.09
N MET A 15 -13.30 5.57 1.88
CA MET A 15 -13.56 4.70 0.74
C MET A 15 -15.01 4.16 0.74
N LYS A 16 -15.51 3.68 1.88
CA LYS A 16 -16.94 3.34 2.04
C LYS A 16 -17.83 4.56 1.76
N GLU A 17 -17.40 5.74 2.22
CA GLU A 17 -18.07 7.01 1.90
C GLU A 17 -17.88 7.51 0.45
N ARG A 18 -17.06 6.82 -0.36
CA ARG A 18 -17.04 7.04 -1.82
C ARG A 18 -18.07 6.13 -2.52
N LYS A 19 -18.80 5.32 -1.73
CA LYS A 19 -19.84 4.33 -2.10
C LYS A 19 -19.26 3.15 -2.88
N THR A 20 -18.04 2.75 -2.51
CA THR A 20 -17.36 1.58 -3.06
C THR A 20 -16.44 0.96 -1.98
N PRO A 21 -17.00 0.19 -1.02
CA PRO A 21 -16.29 -0.26 0.17
C PRO A 21 -15.11 -1.21 -0.09
N ILE A 22 -14.15 -1.22 0.85
CA ILE A 22 -12.85 -1.89 0.65
C ILE A 22 -12.92 -3.40 0.36
N GLU A 23 -13.97 -4.09 0.84
CA GLU A 23 -14.17 -5.52 0.56
C GLU A 23 -14.40 -5.86 -0.94
N ARG A 24 -14.54 -4.84 -1.81
CA ARG A 24 -14.53 -5.00 -3.28
C ARG A 24 -13.24 -5.67 -3.81
N ILE A 25 -12.13 -5.51 -3.08
CA ILE A 25 -10.80 -6.03 -3.43
C ILE A 25 -10.74 -7.55 -3.16
N PRO A 26 -10.14 -8.37 -4.06
CA PRO A 26 -9.94 -9.81 -3.91
C PRO A 26 -8.75 -10.13 -2.94
N TYR A 27 -7.97 -11.17 -3.21
CA TYR A 27 -6.93 -11.67 -2.28
C TYR A 27 -5.53 -11.62 -2.92
N LEU A 28 -4.48 -11.49 -2.11
CA LEU A 28 -3.07 -11.53 -2.54
C LEU A 28 -2.58 -12.99 -2.72
N GLY A 29 -3.32 -13.77 -3.52
CA GLY A 29 -2.95 -15.15 -3.86
C GLY A 29 -3.36 -16.18 -2.79
N PHE A 30 -3.15 -15.86 -1.51
CA PHE A 30 -3.56 -16.68 -0.35
C PHE A 30 -4.01 -15.88 0.89
N LYS A 31 -3.96 -14.53 0.88
CA LYS A 31 -4.25 -13.70 2.07
C LYS A 31 -5.16 -12.51 1.78
N GLN A 32 -5.96 -12.13 2.77
CA GLN A 32 -7.08 -11.17 2.72
C GLN A 32 -6.66 -9.69 2.73
N ILE A 33 -5.57 -9.35 2.04
CA ILE A 33 -5.05 -7.97 1.97
C ILE A 33 -4.69 -7.42 3.37
N ASN A 34 -3.69 -8.06 4.00
CA ASN A 34 -3.03 -7.63 5.25
C ASN A 34 -2.17 -6.36 5.01
N LEU A 35 -2.83 -5.28 4.56
CA LEU A 35 -2.23 -4.07 4.00
C LEU A 35 -1.09 -3.42 4.78
N TRP A 36 -1.12 -3.31 6.11
CA TRP A 36 0.02 -2.80 6.90
C TRP A 36 1.35 -3.55 6.61
N THR A 37 1.27 -4.87 6.38
CA THR A 37 2.40 -5.71 5.95
C THR A 37 2.77 -5.46 4.49
N MET A 38 1.81 -5.31 3.58
CA MET A 38 2.07 -4.92 2.19
C MET A 38 2.71 -3.52 2.07
N PHE A 39 2.31 -2.59 2.94
CA PHE A 39 2.94 -1.28 3.04
C PHE A 39 4.40 -1.40 3.47
N GLN A 40 4.70 -1.99 4.63
CA GLN A 40 6.11 -2.11 5.05
C GLN A 40 6.95 -2.96 4.07
N ALA A 41 6.36 -3.98 3.43
CA ALA A 41 7.01 -4.74 2.36
C ALA A 41 7.38 -3.85 1.16
N ALA A 42 6.43 -3.05 0.66
CA ALA A 42 6.69 -2.08 -0.41
C ALA A 42 7.73 -1.02 0.01
N GLN A 43 7.74 -0.60 1.29
CA GLN A 43 8.74 0.37 1.79
C GLN A 43 10.17 -0.21 1.87
N LYS A 44 10.33 -1.51 2.20
CA LYS A 44 11.63 -2.19 2.08
C LYS A 44 12.05 -2.23 0.61
N LEU A 45 11.09 -2.59 -0.23
CA LEU A 45 11.25 -2.57 -1.68
C LEU A 45 11.25 -1.14 -2.31
N GLY A 46 11.41 -0.07 -1.51
CA GLY A 46 11.68 1.29 -2.06
C GLY A 46 10.46 2.22 -2.20
N GLY A 47 9.45 1.97 -1.37
CA GLY A 47 8.13 2.60 -1.47
C GLY A 47 7.45 2.39 -2.82
N TYR A 48 6.27 2.99 -2.98
CA TYR A 48 5.60 3.07 -4.29
C TYR A 48 6.51 3.70 -5.37
N GLU A 49 7.46 4.54 -4.96
CA GLU A 49 8.27 5.31 -5.94
C GLU A 49 9.25 4.42 -6.70
N THR A 50 10.01 3.56 -6.01
CA THR A 50 10.86 2.57 -6.69
C THR A 50 10.01 1.45 -7.32
N ILE A 51 8.87 1.11 -6.71
CA ILE A 51 7.91 0.17 -7.31
C ILE A 51 7.42 0.64 -8.69
N THR A 52 7.08 1.92 -8.84
CA THR A 52 6.54 2.44 -10.11
C THR A 52 7.65 2.74 -11.12
N ALA A 53 8.84 3.11 -10.63
CA ALA A 53 10.02 3.26 -11.49
C ALA A 53 10.57 1.93 -12.03
N ARG A 54 10.42 0.81 -11.29
CA ARG A 54 11.13 -0.44 -11.66
C ARG A 54 10.27 -1.71 -11.68
N ARG A 55 8.93 -1.60 -11.61
CA ARG A 55 7.96 -2.71 -11.67
C ARG A 55 8.27 -3.78 -10.64
N GLN A 56 8.34 -3.34 -9.39
CA GLN A 56 8.81 -4.19 -8.28
C GLN A 56 7.68 -4.91 -7.52
N TRP A 57 6.44 -4.89 -8.02
CA TRP A 57 5.35 -5.76 -7.53
C TRP A 57 5.77 -7.23 -7.57
N LYS A 58 6.56 -7.65 -8.57
CA LYS A 58 7.18 -8.99 -8.62
C LYS A 58 8.12 -9.29 -7.44
N HIS A 59 8.61 -8.27 -6.73
CA HIS A 59 9.31 -8.46 -5.46
C HIS A 59 8.41 -8.25 -4.23
N ILE A 60 7.25 -7.58 -4.35
CA ILE A 60 6.22 -7.58 -3.29
C ILE A 60 5.69 -9.01 -3.18
N TYR A 61 5.51 -9.68 -4.32
CA TYR A 61 5.28 -11.12 -4.41
C TYR A 61 6.38 -11.96 -3.71
N ASP A 62 7.57 -11.38 -3.49
CA ASP A 62 8.65 -12.05 -2.73
C ASP A 62 8.49 -11.84 -1.22
N GLU A 63 8.42 -10.58 -0.78
CA GLU A 63 8.30 -10.25 0.64
C GLU A 63 6.97 -10.71 1.27
N LEU A 64 5.89 -10.86 0.48
CA LEU A 64 4.59 -11.38 0.92
C LEU A 64 4.42 -12.90 0.76
N GLY A 65 5.42 -13.60 0.21
CA GLY A 65 5.29 -15.03 -0.09
C GLY A 65 4.05 -15.42 -0.91
N GLY A 66 3.62 -14.55 -1.84
CA GLY A 66 2.44 -14.80 -2.68
C GLY A 66 2.38 -16.16 -3.39
N ASN A 67 1.16 -16.55 -3.77
CA ASN A 67 0.80 -17.84 -4.38
C ASN A 67 1.66 -18.21 -5.62
N PRO A 68 2.38 -19.35 -5.61
CA PRO A 68 3.31 -19.76 -6.67
C PRO A 68 2.80 -19.70 -8.11
N GLY A 69 1.52 -20.01 -8.35
CA GLY A 69 0.93 -19.94 -9.70
C GLY A 69 0.32 -18.57 -10.00
N SER A 70 -0.33 -17.96 -9.01
CA SER A 70 -0.91 -16.60 -9.15
C SER A 70 0.12 -15.50 -8.88
N THR A 71 1.32 -15.61 -9.48
CA THR A 71 2.37 -14.58 -9.44
C THR A 71 1.92 -13.21 -9.95
N SER A 72 0.84 -13.17 -10.75
CA SER A 72 0.12 -11.96 -11.16
C SER A 72 -0.51 -11.17 -10.01
N ALA A 73 -0.71 -11.79 -8.83
CA ALA A 73 -1.42 -11.13 -7.73
C ALA A 73 -0.86 -9.76 -7.30
N ALA A 74 0.43 -9.66 -6.94
CA ALA A 74 1.10 -8.37 -6.72
C ALA A 74 0.99 -7.41 -7.92
N THR A 75 1.07 -7.93 -9.14
CA THR A 75 1.02 -7.10 -10.36
C THR A 75 -0.37 -6.50 -10.61
N CYS A 76 -1.46 -7.25 -10.39
CA CYS A 76 -2.83 -6.72 -10.42
C CYS A 76 -3.13 -5.89 -9.18
N THR A 77 -2.50 -6.23 -8.06
CA THR A 77 -2.55 -5.41 -6.83
C THR A 77 -2.06 -3.99 -7.02
N ARG A 78 -1.29 -3.68 -8.09
CA ARG A 78 -0.99 -2.29 -8.46
C ARG A 78 -2.27 -1.49 -8.52
N ARG A 79 -3.35 -2.06 -9.08
CA ARG A 79 -4.59 -1.33 -9.27
C ARG A 79 -5.30 -1.04 -7.94
N HIS A 80 -5.23 -1.98 -7.00
CA HIS A 80 -5.73 -1.82 -5.64
C HIS A 80 -4.88 -0.80 -4.87
N TYR A 81 -3.55 -0.94 -4.91
CA TYR A 81 -2.57 -0.09 -4.21
C TYR A 81 -2.69 1.39 -4.60
N GLU A 82 -3.01 1.66 -5.88
CA GLU A 82 -3.27 2.99 -6.42
C GLU A 82 -4.52 3.64 -5.82
N ARG A 83 -5.32 2.91 -5.01
CA ARG A 83 -6.47 3.49 -4.33
C ARG A 83 -6.73 3.10 -2.86
N LEU A 84 -6.04 2.11 -2.26
CA LEU A 84 -6.16 1.86 -0.81
C LEU A 84 -4.92 2.26 0.01
N ILE A 85 -3.88 2.82 -0.62
CA ILE A 85 -2.76 3.43 0.12
C ILE A 85 -1.93 4.46 -0.64
N LEU A 86 -1.85 4.44 -1.97
CA LEU A 86 -1.26 5.55 -2.74
C LEU A 86 -1.81 6.94 -2.30
N PRO A 87 -3.12 7.14 -2.10
CA PRO A 87 -3.65 8.41 -1.56
C PRO A 87 -3.30 8.69 -0.08
N TYR A 88 -2.82 7.71 0.70
CA TYR A 88 -2.43 7.93 2.10
C TYR A 88 -0.91 7.99 2.32
N GLU A 89 -0.09 7.14 1.68
CA GLU A 89 1.39 7.34 1.66
C GLU A 89 1.79 8.68 0.97
N ARG A 90 0.79 9.35 0.37
CA ARG A 90 0.92 10.75 -0.06
C ARG A 90 1.47 11.64 1.08
N PHE A 91 1.06 11.42 2.34
CA PHE A 91 1.63 12.15 3.47
C PHE A 91 3.10 11.79 3.76
N ILE A 92 3.58 10.59 3.45
CA ILE A 92 5.01 10.24 3.60
C ILE A 92 5.87 11.08 2.63
N LYS A 93 5.32 11.40 1.45
CA LYS A 93 6.06 12.15 0.40
C LYS A 93 6.25 13.64 0.74
N GLY A 94 5.56 14.15 1.76
CA GLY A 94 5.65 15.56 2.17
C GLY A 94 5.93 15.79 3.65
N GLU A 95 5.67 14.80 4.53
CA GLU A 95 5.79 14.91 6.00
C GLU A 95 6.77 13.89 6.60
N GLU A 96 7.65 13.32 5.76
CA GLU A 96 8.74 12.42 6.14
C GLU A 96 9.89 12.45 5.11
N ASP A 97 9.56 12.44 3.81
CA ASP A 97 10.56 12.54 2.73
C ASP A 97 11.03 14.00 2.45
N LYS A 98 10.97 14.88 3.46
CA LYS A 98 11.33 16.30 3.31
C LYS A 98 12.77 16.51 2.79
N PRO A 99 13.02 17.60 2.01
CA PRO A 99 14.37 17.95 1.54
C PRO A 99 15.28 18.56 2.63
N LEU A 100 14.72 18.91 3.80
CA LEU A 100 15.49 19.49 4.91
C LEU A 100 16.63 18.58 5.40
N PRO A 101 17.78 19.14 5.83
CA PRO A 101 18.84 18.39 6.52
C PRO A 101 18.37 17.67 7.80
N PRO A 102 19.17 16.73 8.35
CA PRO A 102 18.95 16.13 9.67
C PRO A 102 18.77 17.17 10.80
N ILE A 103 18.19 16.72 11.92
CA ILE A 103 17.94 17.56 13.11
C ILE A 103 17.32 18.95 12.85
N LYS A 104 16.39 19.02 11.87
CA LYS A 104 15.64 20.27 11.56
C LYS A 104 14.12 20.05 11.40
N PRO A 105 13.61 18.93 10.83
CA PRO A 105 12.17 18.57 10.85
C PRO A 105 11.55 18.43 12.25
N ARG A 106 12.37 18.23 13.30
CA ARG A 106 12.06 18.15 14.74
C ARG A 106 10.84 17.30 15.15
N LYS A 107 10.52 16.27 14.35
CA LYS A 107 9.46 15.30 14.66
C LYS A 107 9.70 14.54 15.99
N ARG A 1 2.46 -1.86 12.64
CA ARG A 1 1.22 -2.54 12.20
C ARG A 1 -0.06 -1.93 12.76
N ALA A 2 -0.18 -1.74 14.08
CA ALA A 2 -1.45 -1.34 14.71
C ALA A 2 -1.89 0.08 14.30
N ASP A 3 -0.95 1.03 14.27
CA ASP A 3 -1.24 2.41 13.85
C ASP A 3 -1.67 2.50 12.38
N GLU A 4 -1.01 1.73 11.50
CA GLU A 4 -1.35 1.65 10.08
C GLU A 4 -2.75 1.07 9.92
N GLN A 5 -3.01 -0.02 10.66
CA GLN A 5 -4.29 -0.67 10.61
C GLN A 5 -5.41 0.27 11.09
N ALA A 6 -5.17 1.02 12.16
CA ALA A 6 -6.12 2.02 12.66
C ALA A 6 -6.40 3.10 11.60
N PHE A 7 -5.36 3.67 10.98
CA PHE A 7 -5.53 4.64 9.91
C PHE A 7 -5.96 4.03 8.56
N LEU A 8 -5.96 2.69 8.44
CA LEU A 8 -6.52 2.06 7.23
C LEU A 8 -7.98 1.67 7.47
N VAL A 9 -8.41 1.51 8.73
CA VAL A 9 -9.84 1.43 9.05
C VAL A 9 -10.45 2.82 8.85
N ALA A 10 -9.73 3.88 9.23
CA ALA A 10 -10.11 5.25 8.88
C ALA A 10 -10.21 5.47 7.36
N LEU A 11 -9.20 5.04 6.57
CA LEU A 11 -9.30 5.09 5.10
C LEU A 11 -10.46 4.25 4.55
N TYR A 12 -10.66 3.02 5.04
CA TYR A 12 -11.81 2.17 4.70
C TYR A 12 -13.14 2.90 4.89
N LYS A 13 -13.33 3.62 6.01
CA LYS A 13 -14.49 4.50 6.20
C LYS A 13 -14.54 5.61 5.15
N TYR A 14 -13.48 6.41 4.93
CA TYR A 14 -13.51 7.42 3.87
C TYR A 14 -13.70 6.88 2.44
N MET A 15 -13.34 5.63 2.17
CA MET A 15 -13.49 5.01 0.84
C MET A 15 -14.92 4.50 0.63
N LYS A 16 -15.52 3.89 1.66
CA LYS A 16 -16.96 3.58 1.67
C LYS A 16 -17.80 4.86 1.62
N GLU A 17 -17.22 5.96 2.11
CA GLU A 17 -17.86 7.29 2.04
C GLU A 17 -17.86 7.87 0.60
N ARG A 18 -17.20 7.19 -0.36
CA ARG A 18 -17.00 7.72 -1.72
C ARG A 18 -17.42 6.75 -2.82
N LYS A 19 -16.67 5.66 -3.02
CA LYS A 19 -16.82 4.75 -4.19
C LYS A 19 -16.44 3.29 -3.91
N THR A 20 -15.91 2.98 -2.72
CA THR A 20 -15.25 1.69 -2.45
C THR A 20 -15.49 1.16 -1.03
N PRO A 21 -16.38 0.17 -0.82
CA PRO A 21 -16.56 -0.52 0.47
C PRO A 21 -15.43 -1.53 0.82
N ILE A 22 -14.28 -1.39 0.14
CA ILE A 22 -13.10 -2.29 0.28
C ILE A 22 -13.27 -3.74 -0.18
N GLU A 23 -14.38 -4.42 0.16
CA GLU A 23 -14.59 -5.82 -0.25
C GLU A 23 -14.77 -6.05 -1.78
N ARG A 24 -14.87 -4.99 -2.59
CA ARG A 24 -14.83 -5.08 -4.06
C ARG A 24 -13.51 -5.68 -4.60
N ILE A 25 -12.43 -5.59 -3.83
CA ILE A 25 -11.10 -6.08 -4.19
C ILE A 25 -11.04 -7.63 -4.31
N PRO A 26 -10.30 -8.18 -5.30
CA PRO A 26 -10.18 -9.62 -5.53
C PRO A 26 -9.25 -10.38 -4.54
N TYR A 27 -8.65 -9.66 -3.57
CA TYR A 27 -7.73 -10.25 -2.57
C TYR A 27 -6.35 -10.66 -3.16
N LEU A 28 -5.44 -11.16 -2.32
CA LEU A 28 -4.03 -11.41 -2.64
C LEU A 28 -3.78 -12.82 -3.24
N GLY A 29 -4.76 -13.37 -3.96
CA GLY A 29 -4.64 -14.68 -4.62
C GLY A 29 -5.00 -15.87 -3.72
N PHE A 30 -4.71 -15.77 -2.42
CA PHE A 30 -5.04 -16.78 -1.41
C PHE A 30 -5.37 -16.22 -0.01
N LYS A 31 -5.20 -14.91 0.19
CA LYS A 31 -5.27 -14.28 1.53
C LYS A 31 -5.81 -12.85 1.43
N GLN A 32 -6.35 -12.33 2.52
CA GLN A 32 -6.84 -10.95 2.62
C GLN A 32 -5.72 -9.93 2.27
N ILE A 33 -6.12 -8.79 1.68
CA ILE A 33 -5.21 -7.64 1.56
C ILE A 33 -4.77 -7.16 2.95
N ASN A 34 -3.48 -6.83 3.07
CA ASN A 34 -2.82 -6.41 4.31
C ASN A 34 -2.04 -5.12 3.99
N LEU A 35 -2.76 -4.00 3.89
CA LEU A 35 -2.23 -2.73 3.38
C LEU A 35 -1.05 -2.16 4.20
N TRP A 36 -1.04 -2.38 5.52
CA TRP A 36 0.11 -2.13 6.42
C TRP A 36 1.36 -2.95 5.99
N THR A 37 1.16 -4.23 5.64
CA THR A 37 2.21 -5.15 5.18
C THR A 37 2.72 -4.83 3.77
N MET A 38 1.83 -4.61 2.79
CA MET A 38 2.27 -4.21 1.44
C MET A 38 2.97 -2.85 1.45
N PHE A 39 2.60 -1.96 2.40
CA PHE A 39 3.35 -0.73 2.66
C PHE A 39 4.79 -1.01 3.10
N GLN A 40 5.00 -1.70 4.24
CA GLN A 40 6.39 -1.94 4.67
C GLN A 40 7.20 -2.81 3.69
N ALA A 41 6.54 -3.67 2.91
CA ALA A 41 7.18 -4.36 1.79
C ALA A 41 7.62 -3.40 0.68
N ALA A 42 6.70 -2.56 0.16
CA ALA A 42 7.04 -1.57 -0.87
C ALA A 42 8.13 -0.60 -0.39
N GLN A 43 8.10 -0.20 0.89
CA GLN A 43 9.11 0.70 1.46
C GLN A 43 10.53 0.08 1.48
N LYS A 44 10.64 -1.26 1.55
CA LYS A 44 11.95 -1.94 1.40
C LYS A 44 12.33 -2.10 -0.07
N LEU A 45 11.35 -2.47 -0.91
CA LEU A 45 11.54 -2.50 -2.37
C LEU A 45 11.56 -1.10 -3.06
N GLY A 46 11.68 0.00 -2.30
CA GLY A 46 11.99 1.34 -2.89
C GLY A 46 10.82 2.35 -2.99
N GLY A 47 9.80 2.12 -2.16
CA GLY A 47 8.52 2.82 -2.25
C GLY A 47 7.79 2.55 -3.57
N TYR A 48 6.55 3.04 -3.63
CA TYR A 48 5.79 3.08 -4.89
C TYR A 48 6.56 3.75 -6.05
N GLU A 49 7.51 4.64 -5.76
CA GLU A 49 8.19 5.41 -6.81
C GLU A 49 9.27 4.60 -7.54
N THR A 50 9.99 3.71 -6.84
CA THR A 50 10.86 2.72 -7.50
C THR A 50 10.01 1.59 -8.10
N ILE A 51 8.90 1.23 -7.43
CA ILE A 51 8.00 0.18 -7.94
C ILE A 51 7.43 0.51 -9.34
N THR A 52 6.97 1.75 -9.54
CA THR A 52 6.34 2.15 -10.80
C THR A 52 7.38 2.34 -11.92
N ALA A 53 8.59 2.77 -11.55
CA ALA A 53 9.68 2.95 -12.51
C ALA A 53 10.42 1.65 -12.88
N ARG A 54 10.37 0.60 -12.02
CA ARG A 54 11.24 -0.59 -12.20
C ARG A 54 10.56 -1.96 -12.04
N ARG A 55 9.22 -2.01 -12.04
CA ARG A 55 8.39 -3.26 -11.99
C ARG A 55 8.79 -4.16 -10.83
N GLN A 56 8.98 -3.53 -9.66
CA GLN A 56 9.54 -4.21 -8.49
C GLN A 56 8.50 -5.00 -7.66
N TRP A 57 7.23 -5.04 -8.08
CA TRP A 57 6.18 -5.88 -7.47
C TRP A 57 6.57 -7.35 -7.38
N LYS A 58 7.32 -7.86 -8.36
CA LYS A 58 7.86 -9.25 -8.32
C LYS A 58 8.79 -9.50 -7.12
N HIS A 59 9.39 -8.46 -6.54
CA HIS A 59 10.14 -8.57 -5.28
C HIS A 59 9.29 -8.21 -4.04
N ILE A 60 8.12 -7.57 -4.19
CA ILE A 60 7.14 -7.49 -3.10
C ILE A 60 6.59 -8.90 -2.89
N TYR A 61 6.34 -9.67 -3.96
CA TYR A 61 6.05 -11.10 -3.90
C TYR A 61 7.17 -11.90 -3.19
N ASP A 62 8.43 -11.47 -3.32
CA ASP A 62 9.53 -12.03 -2.52
C ASP A 62 9.34 -11.75 -1.02
N GLU A 63 9.06 -10.50 -0.65
CA GLU A 63 8.71 -10.15 0.73
C GLU A 63 7.43 -10.82 1.27
N LEU A 64 6.44 -11.15 0.44
CA LEU A 64 5.27 -11.97 0.82
C LEU A 64 5.65 -13.41 1.24
N GLY A 65 6.83 -13.88 0.82
CA GLY A 65 7.19 -15.30 0.97
C GLY A 65 6.61 -16.16 -0.16
N GLY A 66 6.41 -15.57 -1.35
CA GLY A 66 5.80 -16.27 -2.48
C GLY A 66 4.26 -16.28 -2.44
N ASN A 67 3.65 -17.10 -3.32
CA ASN A 67 2.19 -17.22 -3.46
C ASN A 67 1.81 -18.64 -3.98
N PRO A 68 0.69 -19.24 -3.55
CA PRO A 68 0.18 -20.55 -4.05
C PRO A 68 -0.11 -20.67 -5.56
N GLY A 69 0.00 -19.59 -6.34
CA GLY A 69 -0.24 -19.62 -7.79
C GLY A 69 0.27 -18.40 -8.57
N SER A 70 0.41 -17.26 -7.88
CA SER A 70 0.77 -15.97 -8.52
C SER A 70 -0.29 -15.49 -9.52
N THR A 71 -1.49 -16.06 -9.41
CA THR A 71 -2.62 -15.82 -10.31
C THR A 71 -3.22 -14.41 -10.16
N SER A 72 -2.96 -13.75 -9.03
CA SER A 72 -3.46 -12.42 -8.68
C SER A 72 -2.80 -11.83 -7.42
N ALA A 73 -1.46 -11.88 -7.39
CA ALA A 73 -0.68 -11.16 -6.38
C ALA A 73 0.52 -10.46 -7.05
N ALA A 74 1.11 -9.50 -6.35
CA ALA A 74 2.08 -8.52 -6.86
C ALA A 74 1.55 -7.65 -8.01
N THR A 75 1.20 -8.23 -9.16
CA THR A 75 0.74 -7.47 -10.33
C THR A 75 -0.72 -6.99 -10.14
N CYS A 76 -1.54 -7.71 -9.38
CA CYS A 76 -2.86 -7.21 -8.95
C CYS A 76 -2.74 -6.31 -7.71
N THR A 77 -1.72 -6.53 -6.86
CA THR A 77 -1.43 -5.66 -5.70
C THR A 77 -1.22 -4.21 -6.12
N ARG A 78 -0.64 -3.98 -7.32
CA ARG A 78 -0.50 -2.63 -7.89
C ARG A 78 -1.83 -1.92 -7.96
N ARG A 79 -2.90 -2.62 -8.37
CA ARG A 79 -4.17 -1.97 -8.68
C ARG A 79 -4.88 -1.52 -7.41
N HIS A 80 -4.76 -2.31 -6.35
CA HIS A 80 -5.19 -1.93 -5.00
C HIS A 80 -4.34 -0.74 -4.52
N TYR A 81 -3.01 -0.81 -4.67
CA TYR A 81 -2.08 0.18 -4.13
C TYR A 81 -2.34 1.60 -4.65
N GLU A 82 -2.55 1.77 -5.96
CA GLU A 82 -2.65 3.09 -6.58
C GLU A 82 -3.96 3.81 -6.26
N ARG A 83 -4.89 3.13 -5.56
CA ARG A 83 -6.16 3.74 -5.14
C ARG A 83 -6.53 3.54 -3.65
N LEU A 84 -5.70 2.84 -2.87
CA LEU A 84 -6.04 2.49 -1.47
C LEU A 84 -4.87 2.66 -0.49
N ILE A 85 -3.77 3.24 -0.97
CA ILE A 85 -2.61 3.57 -0.12
C ILE A 85 -1.75 4.70 -0.72
N LEU A 86 -1.63 4.77 -2.05
CA LEU A 86 -1.10 5.95 -2.74
C LEU A 86 -1.80 7.25 -2.27
N PRO A 87 -3.14 7.29 -2.04
CA PRO A 87 -3.80 8.44 -1.40
C PRO A 87 -3.47 8.67 0.09
N TYR A 88 -3.00 7.67 0.86
CA TYR A 88 -2.63 7.89 2.28
C TYR A 88 -1.18 8.32 2.46
N GLU A 89 -0.23 7.75 1.72
CA GLU A 89 1.19 8.14 1.86
C GLU A 89 1.44 9.65 1.60
N ARG A 90 0.48 10.29 0.93
CA ARG A 90 0.47 11.76 0.80
C ARG A 90 0.60 12.49 2.13
N PHE A 91 0.01 12.00 3.23
CA PHE A 91 0.16 12.68 4.52
C PHE A 91 1.60 12.64 5.10
N ILE A 92 2.43 11.64 4.76
CA ILE A 92 3.85 11.65 5.18
C ILE A 92 4.77 12.39 4.22
N LYS A 93 4.24 12.86 3.07
CA LYS A 93 5.08 13.39 2.00
C LYS A 93 4.61 14.69 1.33
N GLY A 94 3.46 15.25 1.70
CA GLY A 94 3.04 16.56 1.18
C GLY A 94 1.71 17.13 1.70
N GLU A 95 0.92 16.36 2.46
CA GLU A 95 -0.46 16.75 2.82
C GLU A 95 -0.79 16.68 4.32
N GLU A 96 0.25 16.59 5.14
CA GLU A 96 0.22 16.76 6.61
C GLU A 96 1.63 16.99 7.20
N ASP A 97 2.66 16.41 6.58
CA ASP A 97 4.06 16.58 7.02
C ASP A 97 4.57 18.03 7.04
N LYS A 98 3.96 18.94 6.23
CA LYS A 98 4.39 20.34 6.13
C LYS A 98 3.19 21.31 6.09
N PRO A 99 3.25 22.47 6.78
CA PRO A 99 2.20 23.50 6.77
C PRO A 99 2.27 24.38 5.48
N LEU A 100 2.15 23.75 4.32
CA LEU A 100 2.31 24.44 3.02
C LEU A 100 1.28 25.58 2.82
N PRO A 101 1.61 26.65 2.05
CA PRO A 101 0.69 27.72 1.68
C PRO A 101 -0.59 27.23 0.95
N PRO A 102 -1.65 28.07 0.85
CA PRO A 102 -2.89 27.76 0.12
C PRO A 102 -2.74 27.42 -1.39
N ILE A 103 -1.63 27.85 -2.02
CA ILE A 103 -1.47 27.78 -3.50
C ILE A 103 -2.70 28.38 -4.25
N LYS A 104 -3.14 29.55 -3.80
CA LYS A 104 -4.37 30.21 -4.30
C LYS A 104 -4.21 31.76 -4.27
N PRO A 105 -5.00 32.52 -5.05
CA PRO A 105 -5.05 33.98 -4.95
C PRO A 105 -5.64 34.45 -3.61
N ARG A 106 -5.44 35.74 -3.28
CA ARG A 106 -5.84 36.37 -2.01
C ARG A 106 -6.21 37.85 -2.20
N LYS A 107 -6.96 38.41 -1.24
CA LYS A 107 -7.23 39.86 -1.17
C LYS A 107 -5.94 40.68 -0.96
N ARG A 1 2.31 -0.69 13.37
CA ARG A 1 1.11 -1.56 13.22
C ARG A 1 -0.21 -0.79 13.45
N ALA A 2 -0.41 -0.28 14.66
CA ALA A 2 -1.70 0.34 15.04
C ALA A 2 -1.98 1.68 14.34
N ASP A 3 -0.94 2.43 13.98
CA ASP A 3 -1.09 3.66 13.20
C ASP A 3 -1.59 3.38 11.77
N GLU A 4 -1.04 2.35 11.12
CA GLU A 4 -1.47 1.91 9.79
C GLU A 4 -2.92 1.44 9.87
N GLN A 5 -3.20 0.64 10.90
CA GLN A 5 -4.54 0.14 11.13
C GLN A 5 -5.55 1.27 11.33
N ALA A 6 -5.18 2.30 12.11
CA ALA A 6 -6.03 3.48 12.33
C ALA A 6 -6.23 4.27 11.03
N PHE A 7 -5.16 4.51 10.26
CA PHE A 7 -5.24 5.23 8.99
C PHE A 7 -5.83 4.40 7.84
N LEU A 8 -5.97 3.07 8.01
CA LEU A 8 -6.70 2.30 7.00
C LEU A 8 -8.17 2.10 7.39
N VAL A 9 -8.53 2.19 8.68
CA VAL A 9 -9.95 2.33 9.09
C VAL A 9 -10.48 3.69 8.64
N ALA A 10 -9.67 4.73 8.81
CA ALA A 10 -9.97 6.07 8.29
C ALA A 10 -10.15 6.08 6.76
N LEU A 11 -9.21 5.51 5.99
CA LEU A 11 -9.41 5.37 4.54
C LEU A 11 -10.59 4.47 4.18
N TYR A 12 -10.84 3.36 4.91
CA TYR A 12 -12.04 2.53 4.73
C TYR A 12 -13.34 3.33 4.88
N LYS A 13 -13.42 4.20 5.89
CA LYS A 13 -14.57 5.11 6.08
C LYS A 13 -14.72 6.08 4.91
N TYR A 14 -13.65 6.73 4.43
CA TYR A 14 -13.77 7.64 3.27
C TYR A 14 -14.02 6.89 1.95
N MET A 15 -13.51 5.66 1.83
CA MET A 15 -13.74 4.76 0.71
C MET A 15 -15.22 4.34 0.63
N LYS A 16 -15.83 3.95 1.77
CA LYS A 16 -17.29 3.74 1.86
C LYS A 16 -18.05 5.03 1.50
N GLU A 17 -17.55 6.17 1.97
CA GLU A 17 -18.20 7.48 1.70
C GLU A 17 -18.18 7.83 0.19
N ARG A 18 -17.09 7.49 -0.50
CA ARG A 18 -16.99 7.57 -1.97
C ARG A 18 -17.89 6.58 -2.74
N LYS A 19 -18.67 5.74 -2.04
CA LYS A 19 -19.66 4.79 -2.57
C LYS A 19 -19.02 3.63 -3.33
N THR A 20 -17.83 3.22 -2.88
CA THR A 20 -17.21 1.98 -3.37
C THR A 20 -16.42 1.33 -2.23
N PRO A 21 -17.10 0.64 -1.28
CA PRO A 21 -16.48 0.07 -0.07
C PRO A 21 -15.28 -0.87 -0.31
N ILE A 22 -14.45 -1.03 0.72
CA ILE A 22 -13.17 -1.78 0.62
C ILE A 22 -13.28 -3.24 0.18
N GLU A 23 -14.44 -3.89 0.38
CA GLU A 23 -14.73 -5.22 -0.19
C GLU A 23 -14.63 -5.32 -1.73
N ARG A 24 -14.51 -4.18 -2.43
CA ARG A 24 -14.15 -4.11 -3.86
C ARG A 24 -12.84 -4.86 -4.19
N ILE A 25 -11.99 -5.05 -3.17
CA ILE A 25 -10.77 -5.87 -3.19
C ILE A 25 -11.12 -7.26 -2.60
N PRO A 26 -11.06 -8.36 -3.38
CA PRO A 26 -11.41 -9.69 -2.87
C PRO A 26 -10.33 -10.30 -1.96
N TYR A 27 -9.05 -10.17 -2.37
CA TYR A 27 -7.92 -10.80 -1.67
C TYR A 27 -6.61 -10.05 -2.00
N LEU A 28 -5.54 -10.32 -1.24
CA LEU A 28 -4.16 -9.94 -1.59
C LEU A 28 -3.82 -10.65 -2.92
N GLY A 29 -3.76 -11.99 -2.84
CA GLY A 29 -3.74 -12.85 -4.02
C GLY A 29 -4.61 -14.10 -3.83
N PHE A 30 -4.53 -14.73 -2.64
CA PHE A 30 -5.36 -15.87 -2.22
C PHE A 30 -5.72 -15.82 -0.72
N LYS A 31 -5.61 -14.64 -0.10
CA LYS A 31 -5.83 -14.45 1.35
C LYS A 31 -6.35 -13.04 1.67
N GLN A 32 -6.78 -12.82 2.92
CA GLN A 32 -7.12 -11.50 3.48
C GLN A 32 -6.01 -10.45 3.26
N ILE A 33 -6.40 -9.24 2.87
CA ILE A 33 -5.48 -8.08 2.77
C ILE A 33 -4.83 -7.77 4.12
N ASN A 34 -3.52 -7.50 4.10
CA ASN A 34 -2.67 -7.12 5.24
C ASN A 34 -1.90 -5.84 4.89
N LEU A 35 -2.62 -4.72 4.72
CA LEU A 35 -2.08 -3.48 4.17
C LEU A 35 -0.84 -2.94 4.89
N TRP A 36 -0.78 -2.94 6.22
CA TRP A 36 0.41 -2.51 6.98
C TRP A 36 1.68 -3.30 6.56
N THR A 37 1.52 -4.61 6.27
CA THR A 37 2.57 -5.50 5.75
C THR A 37 2.87 -5.23 4.27
N MET A 38 1.85 -5.00 3.44
CA MET A 38 2.03 -4.59 2.04
C MET A 38 2.79 -3.26 1.92
N PHE A 39 2.46 -2.31 2.79
CA PHE A 39 3.19 -1.04 2.90
C PHE A 39 4.65 -1.25 3.26
N GLN A 40 4.98 -1.91 4.38
CA GLN A 40 6.40 -2.10 4.73
C GLN A 40 7.17 -3.00 3.73
N ALA A 41 6.49 -3.95 3.07
CA ALA A 41 7.09 -4.73 1.99
C ALA A 41 7.43 -3.83 0.79
N ALA A 42 6.49 -2.96 0.36
CA ALA A 42 6.75 -1.98 -0.69
C ALA A 42 7.88 -1.02 -0.31
N GLN A 43 7.98 -0.60 0.96
CA GLN A 43 9.03 0.34 1.40
C GLN A 43 10.42 -0.32 1.38
N LYS A 44 10.48 -1.62 1.68
CA LYS A 44 11.74 -2.38 1.59
C LYS A 44 12.16 -2.55 0.14
N LEU A 45 11.18 -2.87 -0.72
CA LEU A 45 11.37 -2.87 -2.17
C LEU A 45 11.39 -1.45 -2.82
N GLY A 46 11.59 -0.37 -2.04
CA GLY A 46 11.89 0.97 -2.60
C GLY A 46 10.72 1.95 -2.77
N GLY A 47 9.67 1.73 -2.00
CA GLY A 47 8.43 2.50 -2.07
C GLY A 47 7.69 2.42 -3.41
N TYR A 48 6.60 3.18 -3.49
CA TYR A 48 5.91 3.41 -4.77
C TYR A 48 6.82 3.98 -5.86
N GLU A 49 7.92 4.66 -5.48
CA GLU A 49 8.82 5.28 -6.46
C GLU A 49 9.63 4.25 -7.25
N THR A 50 10.29 3.31 -6.56
CA THR A 50 11.00 2.19 -7.22
C THR A 50 10.02 1.26 -7.93
N ILE A 51 8.83 1.04 -7.36
CA ILE A 51 7.75 0.30 -8.03
C ILE A 51 7.40 0.91 -9.40
N THR A 52 7.21 2.22 -9.46
CA THR A 52 6.77 2.90 -10.69
C THR A 52 7.90 2.98 -11.72
N ALA A 53 9.14 3.14 -11.25
CA ALA A 53 10.31 3.09 -12.12
C ALA A 53 10.68 1.69 -12.64
N ARG A 54 10.42 0.62 -11.86
CA ARG A 54 11.01 -0.72 -12.16
C ARG A 54 10.07 -1.94 -12.11
N ARG A 55 8.76 -1.76 -11.91
CA ARG A 55 7.76 -2.86 -11.73
C ARG A 55 8.22 -3.81 -10.62
N GLN A 56 8.53 -3.21 -9.47
CA GLN A 56 9.22 -3.89 -8.37
C GLN A 56 8.32 -4.85 -7.56
N TRP A 57 7.01 -4.93 -7.86
CA TRP A 57 6.10 -5.95 -7.31
C TRP A 57 6.60 -7.38 -7.50
N LYS A 58 7.39 -7.67 -8.54
CA LYS A 58 8.02 -9.01 -8.71
C LYS A 58 8.95 -9.42 -7.55
N HIS A 59 9.49 -8.48 -6.78
CA HIS A 59 10.22 -8.80 -5.53
C HIS A 59 9.38 -8.53 -4.27
N ILE A 60 8.23 -7.85 -4.37
CA ILE A 60 7.25 -7.82 -3.28
C ILE A 60 6.61 -9.21 -3.19
N TYR A 61 6.37 -9.87 -4.34
CA TYR A 61 6.02 -11.28 -4.45
C TYR A 61 7.10 -12.19 -3.79
N ASP A 62 8.37 -11.75 -3.82
CA ASP A 62 9.44 -12.42 -3.08
C ASP A 62 9.26 -12.27 -1.56
N GLU A 63 8.99 -11.05 -1.07
CA GLU A 63 8.61 -10.84 0.34
C GLU A 63 7.32 -11.60 0.76
N LEU A 64 6.32 -11.76 -0.12
CA LEU A 64 5.14 -12.60 0.15
C LEU A 64 5.49 -14.10 0.27
N GLY A 65 6.62 -14.53 -0.30
CA GLY A 65 6.93 -15.96 -0.43
C GLY A 65 6.05 -16.66 -1.47
N GLY A 66 5.73 -15.96 -2.58
CA GLY A 66 4.81 -16.47 -3.60
C GLY A 66 5.23 -17.79 -4.28
N ASN A 67 4.27 -18.41 -4.97
CA ASN A 67 4.36 -19.75 -5.56
C ASN A 67 3.59 -19.81 -6.91
N PRO A 68 3.98 -20.65 -7.89
CA PRO A 68 3.20 -20.88 -9.12
C PRO A 68 1.68 -21.03 -8.92
N GLY A 69 0.94 -20.12 -9.55
CA GLY A 69 -0.52 -20.04 -9.40
C GLY A 69 -1.02 -18.98 -8.40
N SER A 70 -0.09 -18.39 -7.64
CA SER A 70 -0.34 -17.14 -6.88
C SER A 70 0.46 -16.00 -7.53
N THR A 71 1.00 -16.28 -8.73
CA THR A 71 1.63 -15.40 -9.72
C THR A 71 0.71 -14.27 -10.20
N SER A 72 -0.61 -14.39 -9.97
CA SER A 72 -1.62 -13.33 -10.13
C SER A 72 -1.76 -12.48 -8.84
N ALA A 73 -0.64 -12.29 -8.14
CA ALA A 73 -0.56 -11.41 -6.98
C ALA A 73 0.67 -10.50 -7.13
N ALA A 74 0.80 -9.51 -6.24
CA ALA A 74 1.76 -8.40 -6.30
C ALA A 74 1.56 -7.47 -7.52
N THR A 75 1.55 -7.98 -8.76
CA THR A 75 1.28 -7.13 -9.93
C THR A 75 -0.20 -6.68 -9.97
N CYS A 76 -1.13 -7.58 -9.64
CA CYS A 76 -2.55 -7.24 -9.42
C CYS A 76 -2.77 -6.47 -8.10
N THR A 77 -1.93 -6.74 -7.10
CA THR A 77 -1.93 -6.00 -5.83
C THR A 77 -1.68 -4.49 -6.03
N ARG A 78 -0.93 -4.12 -7.09
CA ARG A 78 -0.69 -2.72 -7.44
C ARG A 78 -2.01 -1.97 -7.55
N ARG A 79 -3.04 -2.58 -8.15
CA ARG A 79 -4.29 -1.89 -8.41
C ARG A 79 -5.09 -1.64 -7.13
N HIS A 80 -4.88 -2.46 -6.10
CA HIS A 80 -5.38 -2.21 -4.75
C HIS A 80 -4.55 -1.07 -4.14
N TYR A 81 -3.21 -1.22 -4.05
CA TYR A 81 -2.29 -0.25 -3.42
C TYR A 81 -2.46 1.20 -3.93
N GLU A 82 -2.65 1.40 -5.23
CA GLU A 82 -2.77 2.73 -5.84
C GLU A 82 -4.10 3.42 -5.48
N ARG A 83 -5.00 2.72 -4.77
CA ARG A 83 -6.17 3.34 -4.14
C ARG A 83 -6.35 3.01 -2.65
N LEU A 84 -5.57 2.06 -2.13
CA LEU A 84 -5.71 1.61 -0.73
C LEU A 84 -4.63 2.21 0.19
N ILE A 85 -3.62 2.87 -0.37
CA ILE A 85 -2.65 3.63 0.43
C ILE A 85 -1.96 4.75 -0.35
N LEU A 86 -1.79 4.66 -1.67
CA LEU A 86 -1.27 5.80 -2.45
C LEU A 86 -2.01 7.13 -2.17
N PRO A 87 -3.35 7.17 -1.98
CA PRO A 87 -4.05 8.38 -1.51
C PRO A 87 -3.67 8.84 -0.08
N TYR A 88 -3.24 7.93 0.80
CA TYR A 88 -2.82 8.28 2.17
C TYR A 88 -1.31 8.54 2.30
N GLU A 89 -0.47 7.96 1.44
CA GLU A 89 0.95 8.33 1.37
C GLU A 89 1.17 9.84 1.10
N ARG A 90 0.14 10.54 0.61
CA ARG A 90 0.17 12.00 0.50
C ARG A 90 0.52 12.72 1.81
N PHE A 91 0.13 12.22 2.98
CA PHE A 91 0.66 12.78 4.25
C PHE A 91 2.12 12.38 4.54
N ILE A 92 2.58 11.22 4.05
CA ILE A 92 3.96 10.77 4.28
C ILE A 92 4.94 11.59 3.41
N LYS A 93 4.57 11.82 2.15
CA LYS A 93 5.47 12.46 1.18
C LYS A 93 5.32 14.00 1.15
N GLY A 94 4.39 14.53 1.93
CA GLY A 94 4.15 15.99 2.02
C GLY A 94 4.19 16.56 3.45
N GLU A 95 4.14 15.73 4.49
CA GLU A 95 4.12 16.18 5.89
C GLU A 95 4.94 15.29 6.87
N GLU A 96 5.87 14.50 6.33
CA GLU A 96 6.88 13.74 7.07
C GLU A 96 8.22 13.69 6.31
N ASP A 97 8.19 13.48 4.99
CA ASP A 97 9.41 13.44 4.15
C ASP A 97 9.68 14.77 3.44
N LYS A 98 9.56 15.89 4.18
CA LYS A 98 9.89 17.24 3.68
C LYS A 98 11.25 17.31 2.95
N PRO A 99 11.44 18.25 1.99
CA PRO A 99 12.72 18.46 1.30
C PRO A 99 13.81 19.07 2.20
N LEU A 100 13.41 19.61 3.36
CA LEU A 100 14.34 20.13 4.37
C LEU A 100 13.67 20.12 5.77
N PRO A 101 14.42 20.16 6.88
CA PRO A 101 13.85 20.30 8.23
C PRO A 101 12.97 21.55 8.38
N PRO A 102 11.87 21.52 9.18
CA PRO A 102 10.99 22.68 9.38
C PRO A 102 11.70 23.77 10.21
N ILE A 103 12.20 23.43 11.40
CA ILE A 103 13.07 24.33 12.20
C ILE A 103 14.20 23.62 12.98
N LYS A 104 14.29 22.31 12.76
CA LYS A 104 15.30 21.45 13.42
C LYS A 104 16.64 21.44 12.67
N PRO A 105 17.75 20.96 13.28
CA PRO A 105 19.01 20.72 12.56
C PRO A 105 18.97 19.50 11.61
N ARG A 106 18.03 18.56 11.83
CA ARG A 106 17.85 17.30 11.07
C ARG A 106 16.36 16.95 10.94
N LYS A 107 15.99 16.25 9.86
CA LYS A 107 14.61 15.74 9.67
C LYS A 107 14.19 14.76 10.76
N ARG A 1 2.14 -0.97 13.56
CA ARG A 1 0.90 -1.75 13.29
C ARG A 1 -0.38 -0.95 13.53
N ALA A 2 -0.58 -0.42 14.74
CA ALA A 2 -1.87 0.18 15.12
C ALA A 2 -2.20 1.52 14.42
N ASP A 3 -1.20 2.33 14.08
CA ASP A 3 -1.42 3.57 13.30
C ASP A 3 -1.76 3.28 11.82
N GLU A 4 -1.27 2.14 11.30
CA GLU A 4 -1.70 1.69 9.97
C GLU A 4 -3.15 1.20 10.07
N GLN A 5 -3.47 0.38 11.09
CA GLN A 5 -4.82 -0.10 11.31
C GLN A 5 -5.84 1.05 11.47
N ALA A 6 -5.52 2.04 12.30
CA ALA A 6 -6.34 3.23 12.50
C ALA A 6 -6.53 4.04 11.21
N PHE A 7 -5.44 4.34 10.48
CA PHE A 7 -5.59 5.07 9.21
C PHE A 7 -6.13 4.20 8.07
N LEU A 8 -6.18 2.87 8.23
CA LEU A 8 -6.83 2.04 7.19
C LEU A 8 -8.33 1.90 7.49
N VAL A 9 -8.77 2.02 8.75
CA VAL A 9 -10.20 2.15 9.07
C VAL A 9 -10.72 3.53 8.63
N ALA A 10 -9.95 4.58 8.87
CA ALA A 10 -10.28 5.93 8.39
C ALA A 10 -10.30 6.01 6.85
N LEU A 11 -9.28 5.47 6.19
CA LEU A 11 -9.25 5.41 4.72
C LEU A 11 -10.31 4.47 4.15
N TYR A 12 -10.64 3.34 4.80
CA TYR A 12 -11.81 2.52 4.43
C TYR A 12 -13.09 3.36 4.43
N LYS A 13 -13.34 4.14 5.48
CA LYS A 13 -14.52 5.02 5.52
C LYS A 13 -14.50 6.02 4.37
N TYR A 14 -13.40 6.74 4.12
CA TYR A 14 -13.35 7.67 2.98
C TYR A 14 -13.55 6.95 1.65
N MET A 15 -12.92 5.79 1.49
CA MET A 15 -12.93 5.01 0.28
C MET A 15 -14.36 4.48 -0.04
N LYS A 16 -15.05 3.93 0.98
CA LYS A 16 -16.48 3.58 0.86
C LYS A 16 -17.33 4.78 0.48
N GLU A 17 -16.98 5.94 1.03
CA GLU A 17 -17.66 7.22 0.73
C GLU A 17 -17.21 7.86 -0.61
N ARG A 18 -16.36 7.20 -1.42
CA ARG A 18 -15.91 7.76 -2.72
C ARG A 18 -16.08 6.86 -3.93
N LYS A 19 -15.63 5.60 -3.85
CA LYS A 19 -15.67 4.68 -5.00
C LYS A 19 -16.11 3.27 -4.65
N THR A 20 -15.81 2.77 -3.46
CA THR A 20 -15.99 1.32 -3.16
C THR A 20 -15.76 0.96 -1.68
N PRO A 21 -16.55 0.06 -1.05
CA PRO A 21 -16.18 -0.54 0.24
C PRO A 21 -14.80 -1.25 0.16
N ILE A 22 -14.10 -1.43 1.29
CA ILE A 22 -12.75 -2.02 1.29
C ILE A 22 -12.70 -3.48 0.81
N GLU A 23 -13.85 -4.18 0.78
CA GLU A 23 -13.97 -5.48 0.09
C GLU A 23 -13.51 -5.49 -1.40
N ARG A 24 -13.24 -4.33 -2.00
CA ARG A 24 -12.52 -4.15 -3.28
C ARG A 24 -11.21 -4.96 -3.34
N ILE A 25 -10.60 -5.22 -2.17
CA ILE A 25 -9.39 -6.04 -1.96
C ILE A 25 -9.38 -7.37 -2.76
N PRO A 26 -8.25 -7.74 -3.40
CA PRO A 26 -8.13 -8.94 -4.25
C PRO A 26 -7.88 -10.26 -3.50
N TYR A 27 -7.72 -10.23 -2.16
CA TYR A 27 -7.26 -11.39 -1.38
C TYR A 27 -6.02 -12.06 -1.97
N LEU A 28 -5.06 -11.21 -2.36
CA LEU A 28 -3.74 -11.44 -2.94
C LEU A 28 -3.59 -12.69 -3.84
N GLY A 29 -4.64 -13.05 -4.59
CA GLY A 29 -4.68 -14.34 -5.30
C GLY A 29 -4.93 -15.56 -4.38
N PHE A 30 -4.36 -15.55 -3.17
CA PHE A 30 -4.51 -16.60 -2.14
C PHE A 30 -4.47 -16.14 -0.67
N LYS A 31 -4.18 -14.86 -0.35
CA LYS A 31 -3.85 -14.43 1.02
C LYS A 31 -4.59 -13.14 1.41
N GLN A 32 -5.03 -13.04 2.67
CA GLN A 32 -5.59 -11.80 3.22
C GLN A 32 -4.64 -10.62 2.99
N ILE A 33 -5.12 -9.52 2.38
CA ILE A 33 -4.31 -8.31 2.18
C ILE A 33 -4.06 -7.60 3.53
N ASN A 34 -2.96 -7.96 4.17
CA ASN A 34 -2.40 -7.27 5.33
C ASN A 34 -1.78 -5.95 4.82
N LEU A 35 -2.62 -4.95 4.56
CA LEU A 35 -2.27 -3.70 3.86
C LEU A 35 -1.06 -2.98 4.50
N TRP A 36 -1.00 -2.93 5.84
CA TRP A 36 0.16 -2.48 6.64
C TRP A 36 1.47 -3.21 6.25
N THR A 37 1.41 -4.54 6.07
CA THR A 37 2.54 -5.42 5.69
C THR A 37 2.96 -5.23 4.24
N MET A 38 2.02 -5.20 3.28
CA MET A 38 2.38 -4.92 1.88
C MET A 38 2.88 -3.49 1.67
N PHE A 39 2.42 -2.53 2.47
CA PHE A 39 3.01 -1.18 2.53
C PHE A 39 4.49 -1.24 2.95
N GLN A 40 4.81 -1.77 4.15
CA GLN A 40 6.22 -1.84 4.56
C GLN A 40 7.08 -2.76 3.65
N ALA A 41 6.50 -3.79 3.02
CA ALA A 41 7.16 -4.56 1.98
C ALA A 41 7.50 -3.69 0.75
N ALA A 42 6.54 -2.90 0.23
CA ALA A 42 6.79 -1.96 -0.86
C ALA A 42 7.88 -0.93 -0.52
N GLN A 43 7.98 -0.50 0.76
CA GLN A 43 9.08 0.37 1.21
C GLN A 43 10.46 -0.30 1.03
N LYS A 44 10.56 -1.59 1.40
CA LYS A 44 11.81 -2.37 1.22
C LYS A 44 12.13 -2.54 -0.25
N LEU A 45 11.10 -2.88 -1.03
CA LEU A 45 11.22 -2.99 -2.48
C LEU A 45 11.26 -1.62 -3.23
N GLY A 46 11.44 -0.49 -2.51
CA GLY A 46 11.77 0.80 -3.17
C GLY A 46 10.71 1.91 -3.13
N GLY A 47 9.87 1.90 -2.10
CA GLY A 47 8.68 2.75 -2.03
C GLY A 47 7.70 2.52 -3.19
N TYR A 48 6.67 3.35 -3.27
CA TYR A 48 5.81 3.39 -4.46
C TYR A 48 6.57 3.94 -5.67
N GLU A 49 7.68 4.66 -5.45
CA GLU A 49 8.36 5.40 -6.52
C GLU A 49 9.09 4.46 -7.50
N THR A 50 9.96 3.58 -7.00
CA THR A 50 10.59 2.54 -7.82
C THR A 50 9.57 1.51 -8.33
N ILE A 51 8.51 1.26 -7.56
CA ILE A 51 7.40 0.40 -8.01
C ILE A 51 6.70 0.99 -9.25
N THR A 52 6.45 2.30 -9.27
CA THR A 52 5.80 2.95 -10.41
C THR A 52 6.73 2.99 -11.62
N ALA A 53 8.01 3.30 -11.39
CA ALA A 53 9.02 3.32 -12.45
C ALA A 53 9.30 1.93 -13.08
N ARG A 54 8.95 0.83 -12.39
CA ARG A 54 9.32 -0.53 -12.84
C ARG A 54 8.14 -1.50 -12.67
N ARG A 55 8.44 -2.78 -12.41
CA ARG A 55 7.53 -3.91 -12.14
C ARG A 55 8.05 -4.73 -10.96
N GLN A 56 8.38 -4.01 -9.88
CA GLN A 56 8.97 -4.62 -8.67
C GLN A 56 7.97 -5.41 -7.81
N TRP A 57 6.68 -5.40 -8.15
CA TRP A 57 5.64 -6.17 -7.45
C TRP A 57 5.95 -7.66 -7.31
N LYS A 58 6.61 -8.29 -8.29
CA LYS A 58 7.02 -9.71 -8.15
C LYS A 58 8.06 -9.95 -7.05
N HIS A 59 8.78 -8.91 -6.59
CA HIS A 59 9.62 -8.99 -5.38
C HIS A 59 8.88 -8.55 -4.11
N ILE A 60 7.79 -7.77 -4.22
CA ILE A 60 6.89 -7.53 -3.10
C ILE A 60 6.23 -8.87 -2.75
N TYR A 61 5.71 -9.58 -3.76
CA TYR A 61 5.24 -10.97 -3.68
C TYR A 61 6.27 -11.89 -2.99
N ASP A 62 7.55 -11.69 -3.30
CA ASP A 62 8.65 -12.39 -2.63
C ASP A 62 8.69 -12.11 -1.10
N GLU A 63 8.62 -10.84 -0.70
CA GLU A 63 8.46 -10.46 0.72
C GLU A 63 7.13 -10.92 1.36
N LEU A 64 6.01 -10.97 0.60
CA LEU A 64 4.70 -11.44 1.09
C LEU A 64 4.64 -12.97 1.33
N GLY A 65 5.56 -13.72 0.71
CA GLY A 65 5.56 -15.18 0.81
C GLY A 65 4.76 -15.88 -0.30
N GLY A 66 4.59 -15.22 -1.46
CA GLY A 66 3.85 -15.76 -2.60
C GLY A 66 4.13 -17.22 -3.02
N ASN A 67 3.13 -17.81 -3.70
CA ASN A 67 3.06 -19.24 -4.01
C ASN A 67 2.57 -19.51 -5.45
N PRO A 68 2.91 -20.66 -6.05
CA PRO A 68 2.50 -21.02 -7.42
C PRO A 68 0.98 -21.20 -7.57
N GLY A 69 0.49 -20.92 -8.78
CA GLY A 69 -0.97 -20.88 -9.04
C GLY A 69 -1.62 -19.52 -8.74
N SER A 70 -0.79 -18.49 -8.49
CA SER A 70 -1.27 -17.14 -8.10
C SER A 70 -0.40 -16.07 -8.79
N THR A 71 -0.02 -16.29 -10.06
CA THR A 71 0.94 -15.43 -10.80
C THR A 71 0.53 -13.94 -10.88
N SER A 72 -0.77 -13.65 -10.86
CA SER A 72 -1.34 -12.29 -10.78
C SER A 72 -1.13 -11.57 -9.45
N ALA A 73 -0.74 -12.28 -8.38
CA ALA A 73 -0.50 -11.68 -7.07
C ALA A 73 0.60 -10.61 -7.12
N ALA A 74 0.46 -9.55 -6.30
CA ALA A 74 1.24 -8.31 -6.33
C ALA A 74 1.08 -7.48 -7.64
N THR A 75 0.93 -8.12 -8.80
CA THR A 75 0.60 -7.40 -10.05
C THR A 75 -0.81 -6.82 -10.01
N CYS A 76 -1.80 -7.55 -9.47
CA CYS A 76 -3.15 -7.01 -9.21
C CYS A 76 -3.12 -5.99 -8.07
N THR A 77 -2.32 -6.23 -7.03
CA THR A 77 -2.11 -5.24 -5.95
C THR A 77 -1.76 -3.82 -6.44
N ARG A 78 -1.11 -3.67 -7.61
CA ARG A 78 -0.82 -2.35 -8.19
C ARG A 78 -2.07 -1.53 -8.45
N ARG A 79 -3.23 -2.19 -8.67
CA ARG A 79 -4.51 -1.51 -8.83
C ARG A 79 -5.42 -1.54 -7.59
N HIS A 80 -4.81 -1.74 -6.40
CA HIS A 80 -5.44 -1.58 -5.09
C HIS A 80 -4.60 -0.69 -4.14
N TYR A 81 -3.27 -0.66 -4.32
CA TYR A 81 -2.39 0.30 -3.64
C TYR A 81 -2.75 1.76 -3.96
N GLU A 82 -3.24 2.02 -5.18
CA GLU A 82 -3.58 3.35 -5.71
C GLU A 82 -4.74 4.03 -4.97
N ARG A 83 -5.50 3.30 -4.13
CA ARG A 83 -6.55 3.90 -3.31
C ARG A 83 -6.70 3.38 -1.88
N LEU A 84 -5.86 2.44 -1.43
CA LEU A 84 -5.86 1.99 -0.02
C LEU A 84 -4.56 2.33 0.72
N ILE A 85 -3.58 2.97 0.07
CA ILE A 85 -2.40 3.53 0.76
C ILE A 85 -1.75 4.70 0.04
N LEU A 86 -1.79 4.76 -1.30
CA LEU A 86 -1.39 5.98 -2.03
C LEU A 86 -2.10 7.25 -1.50
N PRO A 87 -3.40 7.24 -1.16
CA PRO A 87 -4.05 8.36 -0.47
C PRO A 87 -3.52 8.66 0.94
N TYR A 88 -3.05 7.67 1.72
CA TYR A 88 -2.54 7.94 3.07
C TYR A 88 -1.06 8.34 3.10
N GLU A 89 -0.21 7.79 2.24
CA GLU A 89 1.20 8.21 2.17
C GLU A 89 1.36 9.70 1.79
N ARG A 90 0.31 10.36 1.26
CA ARG A 90 0.30 11.82 1.08
C ARG A 90 0.50 12.62 2.37
N PHE A 91 0.09 12.12 3.55
CA PHE A 91 0.43 12.81 4.82
C PHE A 91 1.92 12.78 5.15
N ILE A 92 2.71 11.87 4.55
CA ILE A 92 4.17 11.85 4.72
C ILE A 92 4.90 12.43 3.50
N LYS A 93 4.13 13.12 2.64
CA LYS A 93 4.66 13.97 1.56
C LYS A 93 4.57 15.47 1.87
N GLY A 94 3.93 15.85 2.98
CA GLY A 94 3.99 17.24 3.47
C GLY A 94 3.18 17.56 4.73
N GLU A 95 2.49 16.58 5.34
CA GLU A 95 1.48 16.76 6.41
C GLU A 95 0.36 17.74 5.97
N GLU A 96 0.14 17.77 4.65
CA GLU A 96 -0.67 18.75 3.94
C GLU A 96 -1.22 18.20 2.62
N ASP A 97 -0.42 17.43 1.85
CA ASP A 97 -0.92 16.85 0.58
C ASP A 97 -2.02 15.76 0.76
N LYS A 98 -2.30 15.39 2.02
CA LYS A 98 -3.46 14.55 2.37
C LYS A 98 -4.79 15.13 1.83
N PRO A 99 -5.70 14.30 1.26
CA PRO A 99 -6.96 14.77 0.66
C PRO A 99 -7.80 15.73 1.53
N LEU A 100 -8.11 16.90 0.98
CA LEU A 100 -8.98 17.90 1.66
C LEU A 100 -8.43 18.36 3.04
N PRO A 101 -7.25 19.01 3.08
CA PRO A 101 -6.57 19.42 4.32
C PRO A 101 -7.25 20.61 5.04
N PRO A 102 -6.87 20.93 6.29
CA PRO A 102 -7.31 22.09 7.11
C PRO A 102 -7.08 23.52 6.54
N ILE A 103 -6.94 23.68 5.22
CA ILE A 103 -6.57 24.97 4.60
C ILE A 103 -7.44 25.33 3.38
N LYS A 104 -8.67 24.79 3.37
CA LYS A 104 -9.65 25.07 2.30
C LYS A 104 -11.10 24.96 2.83
N PRO A 105 -12.06 25.79 2.37
CA PRO A 105 -13.52 25.66 2.62
C PRO A 105 -14.20 24.37 2.07
N ARG A 106 -13.49 23.23 1.99
CA ARG A 106 -13.82 21.95 1.32
C ARG A 106 -14.30 21.98 -0.14
N LYS A 107 -14.49 23.16 -0.73
CA LYS A 107 -14.80 23.31 -2.17
C LYS A 107 -13.67 22.79 -3.06
N ARG A 1 1.73 -2.47 12.84
CA ARG A 1 0.27 -2.76 12.79
C ARG A 1 -0.54 -1.53 13.20
N ALA A 2 -0.75 -1.30 14.50
CA ALA A 2 -1.72 -0.27 14.93
C ALA A 2 -1.71 1.13 14.28
N ASP A 3 -0.55 1.71 13.92
CA ASP A 3 -0.51 3.01 13.25
C ASP A 3 -1.01 2.94 11.78
N GLU A 4 -0.63 1.86 11.09
CA GLU A 4 -1.13 1.57 9.74
C GLU A 4 -2.62 1.27 9.82
N GLN A 5 -3.02 0.48 10.81
CA GLN A 5 -4.41 0.12 11.03
C GLN A 5 -5.27 1.36 11.27
N ALA A 6 -4.80 2.30 12.09
CA ALA A 6 -5.47 3.58 12.33
C ALA A 6 -5.59 4.40 11.02
N PHE A 7 -4.50 4.58 10.28
CA PHE A 7 -4.53 5.33 9.02
C PHE A 7 -5.25 4.61 7.86
N LEU A 8 -5.46 3.29 7.97
CA LEU A 8 -6.24 2.56 6.95
C LEU A 8 -7.73 2.48 7.34
N VAL A 9 -8.08 2.61 8.63
CA VAL A 9 -9.48 2.83 9.04
C VAL A 9 -9.91 4.25 8.66
N ALA A 10 -9.01 5.22 8.81
CA ALA A 10 -9.19 6.57 8.29
C ALA A 10 -9.40 6.58 6.75
N LEU A 11 -8.53 5.87 6.00
CA LEU A 11 -8.77 5.65 4.56
C LEU A 11 -10.10 4.94 4.31
N TYR A 12 -10.44 3.86 5.01
CA TYR A 12 -11.69 3.13 4.86
C TYR A 12 -12.92 4.04 5.04
N LYS A 13 -12.91 4.93 6.04
CA LYS A 13 -13.96 5.93 6.21
C LYS A 13 -14.04 6.88 5.01
N TYR A 14 -12.93 7.48 4.58
CA TYR A 14 -12.91 8.36 3.40
C TYR A 14 -13.34 7.64 2.10
N MET A 15 -12.95 6.37 1.97
CA MET A 15 -13.29 5.47 0.87
C MET A 15 -14.80 5.14 0.85
N LYS A 16 -15.41 4.80 1.99
CA LYS A 16 -16.86 4.65 2.10
C LYS A 16 -17.61 5.95 1.74
N GLU A 17 -17.05 7.09 2.16
CA GLU A 17 -17.56 8.41 1.77
C GLU A 17 -17.38 8.74 0.26
N ARG A 18 -16.77 7.81 -0.52
CA ARG A 18 -16.65 7.93 -1.98
C ARG A 18 -17.38 6.79 -2.71
N LYS A 19 -18.30 6.09 -2.03
CA LYS A 19 -19.22 5.04 -2.53
C LYS A 19 -18.49 3.73 -2.86
N THR A 20 -17.42 3.47 -2.11
CA THR A 20 -16.59 2.28 -2.26
C THR A 20 -16.44 1.65 -0.87
N PRO A 21 -17.17 0.56 -0.51
CA PRO A 21 -17.24 0.04 0.87
C PRO A 21 -16.01 -0.77 1.34
N ILE A 22 -14.83 -0.48 0.74
CA ILE A 22 -13.59 -1.30 0.90
C ILE A 22 -13.66 -2.81 0.57
N GLU A 23 -14.85 -3.44 0.51
CA GLU A 23 -14.97 -4.82 -0.02
C GLU A 23 -14.46 -5.06 -1.45
N ARG A 24 -13.98 -4.02 -2.14
CA ARG A 24 -13.21 -4.05 -3.40
C ARG A 24 -11.79 -4.62 -3.17
N ILE A 25 -11.71 -5.71 -2.40
CA ILE A 25 -10.49 -6.30 -1.83
C ILE A 25 -10.54 -7.87 -1.78
N PRO A 26 -11.16 -8.58 -2.74
CA PRO A 26 -11.49 -10.00 -2.59
C PRO A 26 -10.31 -10.94 -2.31
N TYR A 27 -9.16 -10.71 -2.97
CA TYR A 27 -7.94 -11.48 -2.72
C TYR A 27 -6.70 -10.64 -3.06
N LEU A 28 -5.57 -10.98 -2.44
CA LEU A 28 -4.23 -10.51 -2.80
C LEU A 28 -3.94 -11.13 -4.18
N GLY A 29 -3.78 -12.45 -4.17
CA GLY A 29 -3.84 -13.26 -5.40
C GLY A 29 -4.11 -14.75 -5.13
N PHE A 30 -3.67 -15.25 -3.96
CA PHE A 30 -3.97 -16.61 -3.44
C PHE A 30 -4.41 -16.60 -1.96
N LYS A 31 -4.47 -15.42 -1.31
CA LYS A 31 -4.80 -15.28 0.12
C LYS A 31 -5.44 -13.92 0.44
N GLN A 32 -5.91 -13.77 1.67
CA GLN A 32 -6.54 -12.54 2.19
C GLN A 32 -5.52 -11.39 2.28
N ILE A 33 -5.91 -10.16 1.90
CA ILE A 33 -5.01 -8.99 1.91
C ILE A 33 -4.58 -8.54 3.31
N ASN A 34 -3.28 -8.27 3.48
CA ASN A 34 -2.67 -7.64 4.65
C ASN A 34 -2.08 -6.28 4.23
N LEU A 35 -2.94 -5.26 4.20
CA LEU A 35 -2.66 -3.93 3.62
C LEU A 35 -1.53 -3.16 4.33
N TRP A 36 -1.40 -3.31 5.66
CA TRP A 36 -0.25 -2.82 6.43
C TRP A 36 1.07 -3.52 6.01
N THR A 37 1.03 -4.84 5.80
CA THR A 37 2.16 -5.66 5.34
C THR A 37 2.61 -5.28 3.94
N MET A 38 1.68 -5.15 2.97
CA MET A 38 2.06 -4.70 1.61
C MET A 38 2.62 -3.27 1.62
N PHE A 39 2.19 -2.41 2.55
CA PHE A 39 2.79 -1.08 2.70
C PHE A 39 4.25 -1.18 3.16
N GLN A 40 4.55 -1.85 4.28
CA GLN A 40 5.95 -1.96 4.71
C GLN A 40 6.83 -2.72 3.69
N ALA A 41 6.27 -3.71 2.98
CA ALA A 41 6.95 -4.38 1.88
C ALA A 41 7.26 -3.40 0.73
N ALA A 42 6.29 -2.62 0.25
CA ALA A 42 6.48 -1.60 -0.78
C ALA A 42 7.35 -0.41 -0.34
N GLN A 43 7.50 -0.18 0.97
CA GLN A 43 8.43 0.81 1.51
C GLN A 43 9.89 0.34 1.44
N LYS A 44 10.14 -0.96 1.64
CA LYS A 44 11.50 -1.53 1.57
C LYS A 44 11.89 -1.91 0.15
N LEU A 45 10.97 -2.57 -0.56
CA LEU A 45 11.15 -2.94 -1.96
C LEU A 45 10.89 -1.77 -2.94
N GLY A 46 10.83 -0.52 -2.46
CA GLY A 46 10.86 0.63 -3.37
C GLY A 46 10.32 1.99 -2.91
N GLY A 47 10.02 2.19 -1.62
CA GLY A 47 9.47 3.45 -1.11
C GLY A 47 8.28 3.98 -1.92
N TYR A 48 7.40 3.09 -2.41
CA TYR A 48 6.40 3.40 -3.45
C TYR A 48 6.92 3.92 -4.80
N GLU A 49 7.84 4.88 -4.83
CA GLU A 49 8.18 5.56 -6.07
C GLU A 49 9.07 4.70 -6.97
N THR A 50 10.06 4.02 -6.40
CA THR A 50 10.93 3.08 -7.13
C THR A 50 10.18 1.79 -7.48
N ILE A 51 9.23 1.32 -6.67
CA ILE A 51 8.44 0.12 -7.01
C ILE A 51 7.45 0.40 -8.15
N THR A 52 6.94 1.63 -8.25
CA THR A 52 6.12 2.06 -9.39
C THR A 52 6.99 2.31 -10.64
N ALA A 53 8.12 3.01 -10.50
CA ALA A 53 9.01 3.33 -11.62
C ALA A 53 9.77 2.13 -12.21
N ARG A 54 9.91 1.03 -11.45
CA ARG A 54 10.72 -0.14 -11.89
C ARG A 54 9.99 -1.49 -11.77
N ARG A 55 8.65 -1.47 -11.61
CA ARG A 55 7.73 -2.64 -11.55
C ARG A 55 8.21 -3.71 -10.57
N GLN A 56 8.50 -3.25 -9.35
CA GLN A 56 9.17 -4.09 -8.34
C GLN A 56 8.18 -4.94 -7.51
N TRP A 57 6.89 -4.94 -7.86
CA TRP A 57 5.86 -5.86 -7.32
C TRP A 57 6.27 -7.34 -7.48
N LYS A 58 7.05 -7.68 -8.50
CA LYS A 58 7.67 -9.02 -8.63
C LYS A 58 8.59 -9.41 -7.45
N HIS A 59 9.03 -8.44 -6.63
CA HIS A 59 9.70 -8.73 -5.36
C HIS A 59 8.78 -8.57 -4.14
N ILE A 60 7.61 -7.91 -4.26
CA ILE A 60 6.55 -7.99 -3.22
C ILE A 60 6.10 -9.45 -3.15
N TYR A 61 5.95 -10.08 -4.32
CA TYR A 61 5.77 -11.53 -4.47
C TYR A 61 6.88 -12.35 -3.76
N ASP A 62 8.05 -11.75 -3.50
CA ASP A 62 9.09 -12.39 -2.68
C ASP A 62 8.86 -12.21 -1.18
N GLU A 63 8.63 -10.98 -0.70
CA GLU A 63 8.36 -10.73 0.73
C GLU A 63 7.04 -11.36 1.23
N LEU A 64 6.02 -11.47 0.37
CA LEU A 64 4.75 -12.14 0.69
C LEU A 64 4.87 -13.64 0.96
N GLY A 65 5.87 -14.30 0.38
CA GLY A 65 5.94 -15.77 0.39
C GLY A 65 4.76 -16.43 -0.36
N GLY A 66 4.23 -15.76 -1.40
CA GLY A 66 3.06 -16.25 -2.13
C GLY A 66 3.25 -17.59 -2.86
N ASN A 67 2.12 -18.15 -3.31
CA ASN A 67 2.04 -19.40 -4.07
C ASN A 67 2.96 -19.39 -5.32
N PRO A 68 3.70 -20.49 -5.61
CA PRO A 68 4.75 -20.50 -6.63
C PRO A 68 4.26 -20.40 -8.09
N GLY A 69 2.95 -20.53 -8.35
CA GLY A 69 2.36 -20.31 -9.68
C GLY A 69 1.35 -19.17 -9.69
N SER A 70 1.62 -18.11 -8.91
CA SER A 70 0.68 -16.99 -8.71
C SER A 70 1.40 -15.63 -8.78
N THR A 71 2.41 -15.49 -9.66
CA THR A 71 3.16 -14.23 -9.89
C THR A 71 2.29 -13.00 -10.15
N SER A 72 1.10 -13.19 -10.73
CA SER A 72 0.10 -12.12 -10.92
C SER A 72 -0.36 -11.48 -9.60
N ALA A 73 -0.29 -12.20 -8.49
CA ALA A 73 -0.74 -11.67 -7.19
C ALA A 73 -0.25 -10.25 -6.85
N ALA A 74 1.07 -10.01 -6.88
CA ALA A 74 1.66 -8.68 -6.65
C ALA A 74 1.27 -7.67 -7.74
N THR A 75 1.00 -8.14 -8.95
CA THR A 75 0.55 -7.28 -10.06
C THR A 75 -0.92 -6.85 -9.90
N CYS A 76 -1.80 -7.72 -9.37
CA CYS A 76 -3.18 -7.36 -8.98
C CYS A 76 -3.20 -6.53 -7.69
N THR A 77 -2.29 -6.83 -6.75
CA THR A 77 -2.12 -6.06 -5.51
C THR A 77 -1.86 -4.57 -5.77
N ARG A 78 -1.15 -4.25 -6.86
CA ARG A 78 -0.92 -2.86 -7.27
C ARG A 78 -2.23 -2.15 -7.54
N ARG A 79 -3.26 -2.83 -8.08
CA ARG A 79 -4.48 -2.13 -8.48
C ARG A 79 -5.31 -1.75 -7.26
N HIS A 80 -5.36 -2.63 -6.25
CA HIS A 80 -5.95 -2.30 -4.93
C HIS A 80 -5.15 -1.18 -4.26
N TYR A 81 -3.81 -1.30 -4.20
CA TYR A 81 -2.92 -0.31 -3.55
C TYR A 81 -3.11 1.13 -4.08
N GLU A 82 -3.35 1.30 -5.39
CA GLU A 82 -3.54 2.58 -6.06
C GLU A 82 -4.85 3.28 -5.64
N ARG A 83 -5.74 2.58 -4.91
CA ARG A 83 -6.92 3.21 -4.30
C ARG A 83 -7.10 2.92 -2.80
N LEU A 84 -6.40 1.93 -2.24
CA LEU A 84 -6.55 1.54 -0.83
C LEU A 84 -5.39 1.99 0.06
N ILE A 85 -4.38 2.67 -0.51
CA ILE A 85 -3.35 3.33 0.28
C ILE A 85 -2.63 4.46 -0.45
N LEU A 86 -2.51 4.48 -1.78
CA LEU A 86 -2.01 5.69 -2.50
C LEU A 86 -2.71 7.01 -2.06
N PRO A 87 -4.06 7.06 -1.85
CA PRO A 87 -4.74 8.21 -1.26
C PRO A 87 -4.30 8.60 0.17
N TYR A 88 -3.60 7.71 0.88
CA TYR A 88 -3.10 8.00 2.24
C TYR A 88 -1.58 8.06 2.35
N GLU A 89 -0.82 7.13 1.76
CA GLU A 89 0.65 7.22 1.74
C GLU A 89 1.20 8.45 0.96
N ARG A 90 0.30 9.19 0.28
CA ARG A 90 0.63 10.54 -0.22
C ARG A 90 1.07 11.48 0.91
N PHE A 91 0.65 11.27 2.17
CA PHE A 91 1.22 12.03 3.30
C PHE A 91 2.75 11.87 3.51
N ILE A 92 3.42 10.84 2.97
CA ILE A 92 4.88 10.69 3.09
C ILE A 92 5.66 11.62 2.14
N LYS A 93 4.98 12.28 1.19
CA LYS A 93 5.65 13.08 0.13
C LYS A 93 4.93 14.39 -0.23
N GLY A 94 3.63 14.49 0.03
CA GLY A 94 2.87 15.73 -0.15
C GLY A 94 2.95 16.67 1.06
N GLU A 95 3.18 16.12 2.26
CA GLU A 95 3.39 16.87 3.52
C GLU A 95 4.45 16.21 4.43
N GLU A 96 5.27 15.33 3.84
CA GLU A 96 6.35 14.52 4.44
C GLU A 96 6.21 14.21 5.95
N ASP A 97 5.20 13.42 6.33
CA ASP A 97 4.87 13.17 7.76
C ASP A 97 5.85 12.21 8.50
N LYS A 98 7.04 11.96 7.95
CA LYS A 98 8.07 11.14 8.62
C LYS A 98 9.49 11.68 8.35
N PRO A 99 10.48 11.49 9.27
CA PRO A 99 11.79 12.14 9.21
C PRO A 99 12.57 11.95 7.90
N LEU A 100 12.64 10.70 7.39
CA LEU A 100 13.41 10.39 6.18
C LEU A 100 12.48 10.19 4.96
N PRO A 101 12.72 10.87 3.82
CA PRO A 101 11.95 10.67 2.60
C PRO A 101 12.23 9.29 1.94
N PRO A 102 11.32 8.79 1.07
CA PRO A 102 11.45 7.50 0.41
C PRO A 102 12.80 7.27 -0.30
N ILE A 103 13.49 6.18 0.09
CA ILE A 103 14.77 5.75 -0.53
C ILE A 103 15.79 6.91 -0.70
N LYS A 104 15.93 7.76 0.33
CA LYS A 104 16.87 8.89 0.31
C LYS A 104 17.28 9.27 1.75
N PRO A 105 18.55 9.15 2.14
CA PRO A 105 19.00 9.61 3.46
C PRO A 105 18.96 11.14 3.58
N ARG A 106 18.73 11.64 4.80
CA ARG A 106 18.61 13.08 5.11
C ARG A 106 19.11 13.48 6.52
N LYS A 107 19.28 12.51 7.43
CA LYS A 107 19.74 12.75 8.81
C LYS A 107 20.68 11.62 9.27
N ARG A 1 2.42 -0.81 13.68
CA ARG A 1 1.31 -1.79 13.50
C ARG A 1 -0.07 -1.15 13.73
N ALA A 2 -0.37 -0.78 14.98
CA ALA A 2 -1.68 -0.20 15.31
C ALA A 2 -1.91 1.15 14.63
N ASP A 3 -0.83 1.90 14.38
CA ASP A 3 -0.89 3.15 13.63
C ASP A 3 -1.29 2.97 12.15
N GLU A 4 -0.77 1.97 11.43
CA GLU A 4 -1.20 1.68 10.05
C GLU A 4 -2.63 1.19 10.08
N GLN A 5 -2.96 0.27 10.99
CA GLN A 5 -4.31 -0.28 11.07
C GLN A 5 -5.34 0.81 11.40
N ALA A 6 -5.00 1.77 12.26
CA ALA A 6 -5.87 2.93 12.50
C ALA A 6 -6.04 3.79 11.25
N PHE A 7 -4.94 4.17 10.58
CA PHE A 7 -5.00 4.98 9.36
C PHE A 7 -5.50 4.22 8.13
N LEU A 8 -5.60 2.89 8.17
CA LEU A 8 -6.14 2.14 7.03
C LEU A 8 -7.60 1.74 7.30
N VAL A 9 -8.05 1.71 8.57
CA VAL A 9 -9.49 1.67 8.89
C VAL A 9 -10.09 3.03 8.52
N ALA A 10 -9.37 4.12 8.83
CA ALA A 10 -9.72 5.47 8.36
C ALA A 10 -9.82 5.55 6.81
N LEU A 11 -8.81 5.05 6.09
CA LEU A 11 -8.93 4.92 4.62
C LEU A 11 -10.10 4.03 4.20
N TYR A 12 -10.30 2.87 4.81
CA TYR A 12 -11.41 1.95 4.51
C TYR A 12 -12.78 2.62 4.70
N LYS A 13 -12.96 3.43 5.75
CA LYS A 13 -14.17 4.25 5.93
C LYS A 13 -14.33 5.29 4.81
N TYR A 14 -13.28 6.02 4.43
CA TYR A 14 -13.36 6.98 3.31
C TYR A 14 -13.59 6.31 1.95
N MET A 15 -13.02 5.13 1.75
CA MET A 15 -13.18 4.26 0.59
C MET A 15 -14.63 3.78 0.44
N LYS A 16 -15.22 3.23 1.52
CA LYS A 16 -16.66 2.89 1.55
C LYS A 16 -17.52 4.12 1.27
N GLU A 17 -17.13 5.27 1.83
CA GLU A 17 -17.87 6.53 1.65
C GLU A 17 -17.86 7.02 0.19
N ARG A 18 -16.77 6.75 -0.55
CA ARG A 18 -16.69 6.98 -2.01
C ARG A 18 -17.53 5.99 -2.86
N LYS A 19 -18.14 4.98 -2.22
CA LYS A 19 -19.11 4.01 -2.78
C LYS A 19 -18.45 2.88 -3.58
N THR A 20 -17.22 2.52 -3.24
CA THR A 20 -16.57 1.32 -3.77
C THR A 20 -15.87 0.60 -2.63
N PRO A 21 -16.56 -0.30 -1.88
CA PRO A 21 -16.03 -0.98 -0.70
C PRO A 21 -14.64 -1.62 -0.90
N ILE A 22 -13.86 -1.74 0.18
CA ILE A 22 -12.49 -2.30 0.09
C ILE A 22 -12.45 -3.77 -0.35
N GLU A 23 -13.57 -4.49 -0.28
CA GLU A 23 -13.70 -5.83 -0.89
C GLU A 23 -13.55 -5.85 -2.43
N ARG A 24 -13.31 -4.69 -3.07
CA ARG A 24 -12.92 -4.55 -4.49
C ARG A 24 -11.59 -5.26 -4.81
N ILE A 25 -10.82 -5.57 -3.77
CA ILE A 25 -9.65 -6.47 -3.80
C ILE A 25 -10.02 -7.75 -3.00
N PRO A 26 -9.99 -8.94 -3.62
CA PRO A 26 -10.46 -10.18 -2.98
C PRO A 26 -9.42 -10.80 -2.02
N TYR A 27 -8.14 -10.81 -2.42
CA TYR A 27 -7.05 -11.37 -1.60
C TYR A 27 -5.72 -10.67 -1.91
N LEU A 28 -4.80 -10.67 -0.93
CA LEU A 28 -3.40 -10.26 -1.08
C LEU A 28 -2.53 -11.52 -1.26
N GLY A 29 -2.72 -12.20 -2.40
CA GLY A 29 -2.00 -13.45 -2.70
C GLY A 29 -2.63 -14.67 -2.04
N PHE A 30 -2.76 -14.65 -0.71
CA PHE A 30 -3.36 -15.75 0.07
C PHE A 30 -4.08 -15.31 1.37
N LYS A 31 -4.26 -14.00 1.58
CA LYS A 31 -4.73 -13.44 2.87
C LYS A 31 -5.67 -12.24 2.71
N GLN A 32 -6.39 -11.91 3.78
CA GLN A 32 -7.51 -10.95 3.84
C GLN A 32 -7.11 -9.45 3.81
N ILE A 33 -6.24 -9.09 2.85
CA ILE A 33 -5.81 -7.71 2.63
C ILE A 33 -5.04 -7.15 3.85
N ASN A 34 -3.89 -7.79 4.14
CA ASN A 34 -2.86 -7.35 5.09
C ASN A 34 -2.20 -6.02 4.63
N LEU A 35 -3.00 -4.95 4.55
CA LEU A 35 -2.66 -3.68 3.93
C LEU A 35 -1.50 -2.91 4.63
N TRP A 36 -1.38 -3.02 5.97
CA TRP A 36 -0.21 -2.52 6.69
C TRP A 36 1.08 -3.25 6.23
N THR A 37 1.01 -4.58 6.05
CA THR A 37 2.10 -5.40 5.48
C THR A 37 2.37 -5.06 4.02
N MET A 38 1.33 -4.83 3.20
CA MET A 38 1.44 -4.36 1.82
C MET A 38 2.19 -3.03 1.72
N PHE A 39 1.87 -2.10 2.63
CA PHE A 39 2.61 -0.84 2.75
C PHE A 39 4.09 -1.07 3.08
N GLN A 40 4.44 -1.74 4.18
CA GLN A 40 5.87 -1.96 4.49
C GLN A 40 6.58 -2.83 3.44
N ALA A 41 5.89 -3.75 2.75
CA ALA A 41 6.47 -4.52 1.66
C ALA A 41 6.83 -3.62 0.47
N ALA A 42 5.89 -2.76 0.02
CA ALA A 42 6.18 -1.81 -1.04
C ALA A 42 7.30 -0.83 -0.64
N GLN A 43 7.28 -0.32 0.60
CA GLN A 43 8.32 0.61 1.08
C GLN A 43 9.72 -0.04 1.16
N LYS A 44 9.81 -1.34 1.47
CA LYS A 44 11.08 -2.08 1.43
C LYS A 44 11.54 -2.30 -0.02
N LEU A 45 10.59 -2.63 -0.90
CA LEU A 45 10.83 -2.65 -2.35
C LEU A 45 10.87 -1.24 -3.02
N GLY A 46 11.00 -0.15 -2.25
CA GLY A 46 11.31 1.19 -2.81
C GLY A 46 10.12 2.15 -2.96
N GLY A 47 9.05 1.89 -2.21
CA GLY A 47 7.76 2.55 -2.38
C GLY A 47 7.17 2.36 -3.77
N TYR A 48 5.99 2.96 -3.98
CA TYR A 48 5.41 3.09 -5.33
C TYR A 48 6.37 3.76 -6.33
N GLU A 49 7.31 4.58 -5.82
CA GLU A 49 8.21 5.37 -6.67
C GLU A 49 9.21 4.49 -7.44
N THR A 50 10.00 3.65 -6.76
CA THR A 50 10.87 2.68 -7.44
C THR A 50 10.05 1.60 -8.15
N ILE A 51 8.87 1.23 -7.62
CA ILE A 51 7.96 0.31 -8.33
C ILE A 51 7.61 0.82 -9.74
N THR A 52 7.37 2.12 -9.88
CA THR A 52 6.98 2.71 -11.18
C THR A 52 8.13 2.67 -12.18
N ALA A 53 9.36 2.96 -11.72
CA ALA A 53 10.53 2.96 -12.59
C ALA A 53 11.11 1.56 -12.88
N ARG A 54 10.82 0.56 -12.02
CA ARG A 54 11.55 -0.72 -12.07
C ARG A 54 10.71 -2.02 -11.99
N ARG A 55 9.37 -1.93 -11.96
CA ARG A 55 8.42 -3.09 -12.05
C ARG A 55 8.70 -4.13 -10.96
N GLN A 56 8.70 -3.64 -9.72
CA GLN A 56 9.12 -4.42 -8.56
C GLN A 56 7.98 -5.09 -7.78
N TRP A 57 6.72 -5.05 -8.27
CA TRP A 57 5.64 -5.88 -7.69
C TRP A 57 6.03 -7.36 -7.67
N LYS A 58 6.79 -7.87 -8.65
CA LYS A 58 7.33 -9.25 -8.57
C LYS A 58 8.25 -9.51 -7.37
N HIS A 59 8.82 -8.48 -6.74
CA HIS A 59 9.52 -8.62 -5.45
C HIS A 59 8.64 -8.27 -4.24
N ILE A 60 7.53 -7.55 -4.42
CA ILE A 60 6.49 -7.40 -3.37
C ILE A 60 5.77 -8.75 -3.22
N TYR A 61 5.60 -9.50 -4.32
CA TYR A 61 5.19 -10.91 -4.33
C TYR A 61 6.15 -11.76 -3.48
N ASP A 62 7.46 -11.52 -3.62
CA ASP A 62 8.46 -12.15 -2.75
C ASP A 62 8.25 -11.83 -1.25
N GLU A 63 8.10 -10.55 -0.91
CA GLU A 63 7.89 -10.14 0.49
C GLU A 63 6.52 -10.52 1.10
N LEU A 64 5.43 -10.50 0.32
CA LEU A 64 4.06 -10.80 0.81
C LEU A 64 3.83 -12.29 1.11
N GLY A 65 4.64 -13.19 0.52
CA GLY A 65 4.47 -14.65 0.65
C GLY A 65 3.95 -15.35 -0.61
N GLY A 66 3.84 -14.63 -1.73
CA GLY A 66 3.37 -15.19 -3.00
C GLY A 66 2.03 -15.94 -3.01
N ASN A 67 1.83 -16.70 -4.10
CA ASN A 67 0.77 -17.69 -4.32
C ASN A 67 1.29 -18.71 -5.36
N PRO A 68 1.12 -20.04 -5.16
CA PRO A 68 1.63 -21.09 -6.06
C PRO A 68 1.39 -20.87 -7.55
N GLY A 69 0.15 -20.60 -7.94
CA GLY A 69 -0.21 -20.38 -9.36
C GLY A 69 -0.54 -18.94 -9.74
N SER A 70 -1.09 -18.15 -8.80
CA SER A 70 -1.44 -16.73 -9.07
C SER A 70 -0.21 -15.81 -8.95
N THR A 71 0.80 -16.07 -9.78
CA THR A 71 2.06 -15.31 -9.86
C THR A 71 1.86 -13.79 -10.00
N SER A 72 0.75 -13.38 -10.63
CA SER A 72 0.33 -11.99 -10.84
C SER A 72 -0.23 -11.28 -9.59
N ALA A 73 -0.32 -11.93 -8.42
CA ALA A 73 -0.95 -11.31 -7.24
C ALA A 73 -0.50 -9.87 -6.91
N ALA A 74 0.80 -9.62 -6.74
CA ALA A 74 1.38 -8.27 -6.62
C ALA A 74 1.13 -7.37 -7.85
N THR A 75 1.09 -7.96 -9.05
CA THR A 75 0.75 -7.20 -10.28
C THR A 75 -0.72 -6.79 -10.36
N CYS A 76 -1.61 -7.47 -9.63
CA CYS A 76 -3.01 -7.05 -9.42
C CYS A 76 -3.15 -6.17 -8.17
N THR A 77 -2.25 -6.32 -7.18
CA THR A 77 -2.19 -5.40 -6.03
C THR A 77 -1.94 -3.95 -6.47
N ARG A 78 -1.23 -3.72 -7.59
CA ARG A 78 -0.87 -2.38 -8.03
C ARG A 78 -2.08 -1.48 -8.26
N ARG A 79 -3.18 -2.06 -8.76
CA ARG A 79 -4.39 -1.28 -9.07
C ARG A 79 -5.27 -0.98 -7.85
N HIS A 80 -4.98 -1.67 -6.75
CA HIS A 80 -5.60 -1.47 -5.44
C HIS A 80 -4.75 -0.51 -4.62
N TYR A 81 -3.42 -0.69 -4.58
CA TYR A 81 -2.46 0.19 -3.89
C TYR A 81 -2.59 1.68 -4.30
N GLU A 82 -2.87 1.96 -5.59
CA GLU A 82 -3.01 3.33 -6.10
C GLU A 82 -4.20 4.09 -5.48
N ARG A 83 -5.09 3.37 -4.79
CA ARG A 83 -6.16 4.01 -4.01
C ARG A 83 -6.26 3.56 -2.54
N LEU A 84 -5.60 2.47 -2.14
CA LEU A 84 -5.71 1.94 -0.77
C LEU A 84 -4.62 2.47 0.17
N ILE A 85 -3.60 3.15 -0.35
CA ILE A 85 -2.44 3.57 0.46
C ILE A 85 -1.57 4.61 -0.24
N LEU A 86 -1.46 4.61 -1.57
CA LEU A 86 -0.83 5.71 -2.32
C LEU A 86 -1.39 7.10 -1.93
N PRO A 87 -2.72 7.32 -1.77
CA PRO A 87 -3.25 8.60 -1.28
C PRO A 87 -3.01 8.86 0.22
N TYR A 88 -2.56 7.88 1.02
CA TYR A 88 -2.28 8.08 2.45
C TYR A 88 -0.77 8.25 2.74
N GLU A 89 0.12 7.56 2.02
CA GLU A 89 1.56 7.85 2.09
C GLU A 89 1.89 9.32 1.71
N ARG A 90 0.93 10.04 1.12
CA ARG A 90 1.03 11.50 0.93
C ARG A 90 1.34 12.27 2.23
N PHE A 91 0.83 11.86 3.40
CA PHE A 91 1.23 12.53 4.65
C PHE A 91 2.71 12.28 5.06
N ILE A 92 3.36 11.26 4.49
CA ILE A 92 4.81 11.02 4.68
C ILE A 92 5.66 11.68 3.58
N LYS A 93 5.02 12.26 2.56
CA LYS A 93 5.71 12.69 1.34
C LYS A 93 5.39 14.12 0.85
N GLY A 94 4.29 14.70 1.32
CA GLY A 94 3.86 16.05 0.88
C GLY A 94 3.34 16.95 2.01
N GLU A 95 2.98 16.38 3.16
CA GLU A 95 2.59 17.13 4.38
C GLU A 95 3.52 16.88 5.59
N GLU A 96 4.61 16.16 5.34
CA GLU A 96 5.67 15.73 6.27
C GLU A 96 5.22 15.53 7.74
N ASP A 97 4.16 14.74 7.96
CA ASP A 97 3.49 14.65 9.26
C ASP A 97 4.23 13.79 10.31
N LYS A 98 5.40 13.22 9.94
CA LYS A 98 6.22 12.40 10.86
C LYS A 98 5.47 11.36 11.72
N PRO A 99 4.60 10.49 11.13
CA PRO A 99 3.87 9.45 11.85
C PRO A 99 4.75 8.24 12.24
N LEU A 100 6.00 8.20 11.78
CA LEU A 100 6.88 7.03 11.94
C LEU A 100 7.32 6.81 13.41
N PRO A 101 7.73 5.58 13.80
CA PRO A 101 8.25 5.28 15.14
C PRO A 101 9.45 6.15 15.58
N PRO A 102 9.74 6.24 16.90
CA PRO A 102 10.87 6.99 17.48
C PRO A 102 12.29 6.69 16.95
N ILE A 103 12.46 5.69 16.07
CA ILE A 103 13.80 5.35 15.54
C ILE A 103 14.21 6.18 14.31
N LYS A 104 13.38 7.18 14.01
CA LYS A 104 13.57 8.12 12.89
C LYS A 104 14.04 7.45 11.57
N PRO A 105 13.22 6.58 10.93
CA PRO A 105 13.61 5.80 9.75
C PRO A 105 14.19 6.58 8.55
N ARG A 106 13.95 7.89 8.45
CA ARG A 106 14.38 8.77 7.34
C ARG A 106 15.49 9.78 7.72
N LYS A 107 16.14 9.59 8.88
CA LYS A 107 17.28 10.42 9.31
C LYS A 107 18.47 10.43 8.32
N ARG A 1 2.19 -1.80 12.78
CA ARG A 1 0.83 -2.34 12.48
C ARG A 1 -0.30 -1.41 12.93
N ALA A 2 -0.31 -0.94 14.18
CA ALA A 2 -1.47 -0.23 14.73
C ALA A 2 -1.68 1.19 14.17
N ASP A 3 -0.60 1.89 13.81
CA ASP A 3 -0.69 3.20 13.16
C ASP A 3 -1.21 3.09 11.72
N GLU A 4 -0.78 2.05 11.00
CA GLU A 4 -1.31 1.73 9.67
C GLU A 4 -2.78 1.35 9.81
N GLN A 5 -3.10 0.51 10.80
CA GLN A 5 -4.47 0.09 11.05
C GLN A 5 -5.39 1.29 11.33
N ALA A 6 -4.93 2.24 12.14
CA ALA A 6 -5.68 3.47 12.43
C ALA A 6 -5.89 4.32 11.15
N PHE A 7 -4.82 4.57 10.38
CA PHE A 7 -4.91 5.36 9.16
C PHE A 7 -5.61 4.62 8.00
N LEU A 8 -5.73 3.29 8.08
CA LEU A 8 -6.46 2.54 7.07
C LEU A 8 -7.93 2.34 7.46
N VAL A 9 -8.27 2.43 8.77
CA VAL A 9 -9.69 2.56 9.18
C VAL A 9 -10.21 3.94 8.77
N ALA A 10 -9.38 4.97 8.95
CA ALA A 10 -9.68 6.32 8.44
C ALA A 10 -9.89 6.34 6.91
N LEU A 11 -8.98 5.76 6.12
CA LEU A 11 -9.20 5.63 4.68
C LEU A 11 -10.34 4.68 4.32
N TYR A 12 -10.61 3.62 5.07
CA TYR A 12 -11.80 2.77 4.90
C TYR A 12 -13.11 3.56 5.05
N LYS A 13 -13.19 4.45 6.05
CA LYS A 13 -14.33 5.37 6.20
C LYS A 13 -14.42 6.32 5.01
N TYR A 14 -13.33 6.93 4.56
CA TYR A 14 -13.38 7.83 3.39
C TYR A 14 -13.70 7.10 2.07
N MET A 15 -13.20 5.88 1.91
CA MET A 15 -13.49 4.96 0.82
C MET A 15 -14.99 4.64 0.76
N LYS A 16 -15.58 4.20 1.89
CA LYS A 16 -17.04 3.96 1.98
C LYS A 16 -17.84 5.22 1.65
N GLU A 17 -17.37 6.36 2.17
CA GLU A 17 -18.04 7.66 1.93
C GLU A 17 -17.99 8.08 0.43
N ARG A 18 -16.93 7.70 -0.30
CA ARG A 18 -16.88 7.82 -1.78
C ARG A 18 -17.94 6.98 -2.54
N LYS A 19 -18.75 6.18 -1.84
CA LYS A 19 -19.85 5.33 -2.36
C LYS A 19 -19.33 4.08 -3.07
N THR A 20 -18.14 3.60 -2.66
CA THR A 20 -17.56 2.36 -3.19
C THR A 20 -16.86 1.59 -2.05
N PRO A 21 -17.61 0.86 -1.21
CA PRO A 21 -17.12 0.18 0.00
C PRO A 21 -15.87 -0.70 -0.22
N ILE A 22 -15.05 -0.83 0.83
CA ILE A 22 -13.73 -1.49 0.73
C ILE A 22 -13.79 -2.97 0.34
N GLU A 23 -14.92 -3.66 0.56
CA GLU A 23 -15.11 -5.05 0.11
C GLU A 23 -14.86 -5.30 -1.39
N ARG A 24 -14.83 -4.24 -2.21
CA ARG A 24 -14.38 -4.27 -3.62
C ARG A 24 -12.93 -4.78 -3.82
N ILE A 25 -12.11 -4.77 -2.76
CA ILE A 25 -10.72 -5.23 -2.73
C ILE A 25 -10.58 -6.73 -3.13
N PRO A 26 -9.50 -7.14 -3.83
CA PRO A 26 -9.29 -8.52 -4.30
C PRO A 26 -8.80 -9.48 -3.18
N TYR A 27 -8.18 -10.59 -3.58
CA TYR A 27 -7.53 -11.52 -2.65
C TYR A 27 -6.04 -11.61 -3.03
N LEU A 28 -5.20 -12.10 -2.12
CA LEU A 28 -3.73 -12.03 -2.21
C LEU A 28 -3.09 -13.41 -2.48
N GLY A 29 -3.58 -14.08 -3.52
CA GLY A 29 -2.95 -15.30 -4.06
C GLY A 29 -3.39 -16.59 -3.34
N PHE A 30 -3.38 -16.56 -2.01
CA PHE A 30 -3.79 -17.69 -1.15
C PHE A 30 -4.42 -17.24 0.19
N LYS A 31 -4.57 -15.93 0.40
CA LYS A 31 -5.07 -15.36 1.66
C LYS A 31 -5.68 -13.98 1.41
N GLN A 32 -6.39 -13.40 2.38
CA GLN A 32 -6.89 -12.02 2.30
C GLN A 32 -5.79 -10.98 2.02
N ILE A 33 -6.20 -9.84 1.47
CA ILE A 33 -5.33 -8.67 1.36
C ILE A 33 -4.87 -8.19 2.76
N ASN A 34 -3.62 -7.75 2.86
CA ASN A 34 -2.92 -7.41 4.10
C ASN A 34 -2.23 -6.04 3.90
N LEU A 35 -3.07 -5.01 3.84
CA LEU A 35 -2.77 -3.64 3.39
C LEU A 35 -1.61 -2.89 4.10
N TRP A 36 -1.46 -3.01 5.42
CA TRP A 36 -0.28 -2.51 6.16
C TRP A 36 1.02 -3.23 5.71
N THR A 37 0.94 -4.56 5.52
CA THR A 37 2.06 -5.43 5.12
C THR A 37 2.53 -5.17 3.70
N MET A 38 1.62 -5.05 2.72
CA MET A 38 2.03 -4.71 1.34
C MET A 38 2.74 -3.35 1.28
N PHE A 39 2.35 -2.42 2.16
CA PHE A 39 3.02 -1.12 2.26
C PHE A 39 4.43 -1.23 2.83
N GLN A 40 4.65 -1.88 4.00
CA GLN A 40 6.04 -2.05 4.48
C GLN A 40 6.92 -2.92 3.56
N ALA A 41 6.34 -3.86 2.81
CA ALA A 41 7.03 -4.58 1.75
C ALA A 41 7.39 -3.65 0.58
N ALA A 42 6.42 -2.90 0.04
CA ALA A 42 6.68 -1.90 -1.01
C ALA A 42 7.73 -0.86 -0.60
N GLN A 43 7.76 -0.46 0.68
CA GLN A 43 8.75 0.49 1.20
C GLN A 43 10.18 -0.03 1.10
N LYS A 44 10.44 -1.30 1.43
CA LYS A 44 11.78 -1.89 1.27
C LYS A 44 12.07 -2.23 -0.19
N LEU A 45 11.05 -2.64 -0.94
CA LEU A 45 11.13 -2.73 -2.40
C LEU A 45 11.09 -1.32 -3.12
N GLY A 46 11.32 -0.22 -2.38
CA GLY A 46 11.60 1.09 -3.01
C GLY A 46 10.43 2.09 -3.10
N GLY A 47 9.56 2.06 -2.09
CA GLY A 47 8.31 2.83 -2.09
C GLY A 47 7.39 2.56 -3.28
N TYR A 48 6.38 3.41 -3.45
CA TYR A 48 5.57 3.41 -4.67
C TYR A 48 6.40 3.79 -5.91
N GLU A 49 7.52 4.51 -5.73
CA GLU A 49 8.22 5.13 -6.86
C GLU A 49 9.04 4.10 -7.65
N THR A 50 9.80 3.24 -6.97
CA THR A 50 10.47 2.10 -7.60
C THR A 50 9.45 1.08 -8.10
N ILE A 51 8.30 0.93 -7.41
CA ILE A 51 7.21 0.08 -7.91
C ILE A 51 6.69 0.55 -9.28
N THR A 52 6.53 1.86 -9.46
CA THR A 52 6.07 2.44 -10.73
C THR A 52 7.15 2.39 -11.80
N ALA A 53 8.41 2.68 -11.42
CA ALA A 53 9.54 2.66 -12.34
C ALA A 53 9.99 1.23 -12.74
N ARG A 54 9.72 0.20 -11.93
CA ARG A 54 10.34 -1.14 -12.15
C ARG A 54 9.39 -2.34 -12.01
N ARG A 55 8.07 -2.15 -11.85
CA ARG A 55 7.06 -3.19 -11.61
C ARG A 55 7.57 -4.24 -10.62
N GLN A 56 7.88 -3.71 -9.43
CA GLN A 56 8.60 -4.46 -8.40
C GLN A 56 7.65 -5.25 -7.46
N TRP A 57 6.35 -5.27 -7.76
CA TRP A 57 5.36 -6.15 -7.13
C TRP A 57 5.76 -7.62 -7.19
N LYS A 58 6.47 -8.06 -8.24
CA LYS A 58 7.05 -9.41 -8.30
C LYS A 58 8.05 -9.71 -7.16
N HIS A 59 8.69 -8.69 -6.57
CA HIS A 59 9.50 -8.84 -5.37
C HIS A 59 8.74 -8.50 -4.06
N ILE A 60 7.63 -7.77 -4.13
CA ILE A 60 6.70 -7.67 -2.97
C ILE A 60 6.14 -9.07 -2.74
N TYR A 61 5.83 -9.81 -3.81
CA TYR A 61 5.49 -11.24 -3.76
C TYR A 61 6.63 -12.11 -3.19
N ASP A 62 7.88 -11.69 -3.39
CA ASP A 62 9.04 -12.30 -2.70
C ASP A 62 8.93 -12.13 -1.17
N GLU A 63 8.63 -10.91 -0.70
CA GLU A 63 8.27 -10.69 0.72
C GLU A 63 7.00 -11.42 1.20
N LEU A 64 5.99 -11.66 0.35
CA LEU A 64 4.78 -12.43 0.71
C LEU A 64 5.05 -13.92 0.97
N GLY A 65 6.09 -14.49 0.35
CA GLY A 65 6.30 -15.95 0.35
C GLY A 65 5.12 -16.72 -0.29
N GLY A 66 4.52 -16.14 -1.34
CA GLY A 66 3.33 -16.71 -1.97
C GLY A 66 3.57 -17.99 -2.81
N ASN A 67 2.47 -18.57 -3.31
CA ASN A 67 2.45 -19.73 -4.22
C ASN A 67 3.38 -19.53 -5.44
N PRO A 68 4.28 -20.48 -5.81
CA PRO A 68 5.32 -20.32 -6.85
C PRO A 68 4.94 -19.80 -8.26
N GLY A 69 3.65 -19.66 -8.61
CA GLY A 69 3.25 -19.12 -9.92
C GLY A 69 2.09 -18.12 -9.92
N SER A 70 1.31 -17.99 -8.84
CA SER A 70 0.34 -16.89 -8.67
C SER A 70 0.99 -15.52 -8.42
N THR A 71 2.26 -15.35 -8.83
CA THR A 71 3.12 -14.19 -8.58
C THR A 71 2.55 -12.86 -9.08
N SER A 72 1.67 -12.91 -10.09
CA SER A 72 0.91 -11.76 -10.61
C SER A 72 -0.16 -11.24 -9.65
N ALA A 73 -0.50 -11.96 -8.58
CA ALA A 73 -1.38 -11.42 -7.53
C ALA A 73 -0.88 -10.07 -6.98
N ALA A 74 0.41 -9.94 -6.69
CA ALA A 74 1.09 -8.66 -6.39
C ALA A 74 0.91 -7.62 -7.52
N THR A 75 0.96 -8.04 -8.78
CA THR A 75 0.76 -7.13 -9.92
C THR A 75 -0.67 -6.59 -10.00
N CYS A 76 -1.69 -7.39 -9.68
CA CYS A 76 -3.08 -6.91 -9.52
C CYS A 76 -3.28 -6.13 -8.22
N THR A 77 -2.55 -6.49 -7.16
CA THR A 77 -2.57 -5.76 -5.87
C THR A 77 -2.19 -4.27 -6.03
N ARG A 78 -1.34 -3.96 -7.02
CA ARG A 78 -1.00 -2.57 -7.36
C ARG A 78 -2.25 -1.73 -7.60
N ARG A 79 -3.31 -2.33 -8.15
CA ARG A 79 -4.49 -1.59 -8.58
C ARG A 79 -5.42 -1.17 -7.44
N HIS A 80 -5.23 -1.74 -6.25
CA HIS A 80 -5.88 -1.30 -5.01
C HIS A 80 -4.89 -0.55 -4.11
N TYR A 81 -3.60 -0.87 -4.14
CA TYR A 81 -2.55 -0.06 -3.50
C TYR A 81 -2.59 1.42 -3.95
N GLU A 82 -2.86 1.69 -5.23
CA GLU A 82 -2.93 3.06 -5.76
C GLU A 82 -4.12 3.86 -5.21
N ARG A 83 -5.05 3.17 -4.54
CA ARG A 83 -6.32 3.77 -4.11
C ARG A 83 -6.62 3.60 -2.61
N LEU A 84 -5.88 2.71 -1.93
CA LEU A 84 -6.13 2.40 -0.51
C LEU A 84 -4.88 2.54 0.39
N ILE A 85 -3.80 3.11 -0.14
CA ILE A 85 -2.65 3.55 0.70
C ILE A 85 -1.72 4.55 0.00
N LEU A 86 -1.56 4.49 -1.33
CA LEU A 86 -0.90 5.56 -2.10
C LEU A 86 -1.49 6.98 -1.86
N PRO A 87 -2.82 7.17 -1.70
CA PRO A 87 -3.37 8.48 -1.30
C PRO A 87 -3.16 8.83 0.18
N TYR A 88 -2.76 7.90 1.05
CA TYR A 88 -2.53 8.18 2.48
C TYR A 88 -1.04 8.33 2.83
N GLU A 89 -0.15 7.50 2.26
CA GLU A 89 1.32 7.75 2.34
C GLU A 89 1.75 9.14 1.77
N ARG A 90 0.78 9.77 1.07
CA ARG A 90 0.89 11.18 0.69
C ARG A 90 1.24 12.10 1.87
N PHE A 91 0.71 11.86 3.08
CA PHE A 91 1.11 12.65 4.26
C PHE A 91 2.59 12.54 4.63
N ILE A 92 3.28 11.44 4.27
CA ILE A 92 4.72 11.28 4.60
C ILE A 92 5.57 12.25 3.76
N LYS A 93 5.24 12.42 2.48
CA LYS A 93 6.05 13.20 1.53
C LYS A 93 5.59 14.65 1.36
N GLY A 94 4.45 15.02 1.95
CA GLY A 94 3.89 16.37 1.84
C GLY A 94 3.49 17.04 3.17
N GLU A 95 3.41 16.30 4.27
CA GLU A 95 2.95 16.80 5.59
C GLU A 95 3.80 16.29 6.78
N GLU A 96 5.02 15.85 6.50
CA GLU A 96 5.99 15.37 7.50
C GLU A 96 7.45 15.56 7.09
N ASP A 97 7.83 15.25 5.83
CA ASP A 97 9.21 15.43 5.34
C ASP A 97 9.56 16.91 4.99
N LYS A 98 9.47 17.79 6.00
CA LYS A 98 9.76 19.23 5.84
C LYS A 98 10.49 19.83 7.06
N PRO A 99 11.31 20.89 6.89
CA PRO A 99 12.23 21.42 7.91
C PRO A 99 11.57 22.34 8.98
N LEU A 100 10.31 22.08 9.36
CA LEU A 100 9.65 22.83 10.44
C LEU A 100 10.46 22.72 11.77
N PRO A 101 10.82 23.85 12.43
CA PRO A 101 11.66 23.85 13.64
C PRO A 101 11.11 22.99 14.81
N PRO A 102 12.00 22.43 15.66
CA PRO A 102 11.62 21.80 16.93
C PRO A 102 11.19 22.84 17.98
N ILE A 103 10.57 22.38 19.08
CA ILE A 103 10.01 23.27 20.13
C ILE A 103 9.21 24.49 19.59
N LYS A 104 8.38 24.22 18.57
CA LYS A 104 7.54 25.26 17.92
C LYS A 104 6.33 24.55 17.27
N PRO A 105 5.10 25.09 17.36
CA PRO A 105 3.90 24.43 16.81
C PRO A 105 3.94 24.36 15.28
N ARG A 106 3.67 23.17 14.72
CA ARG A 106 3.56 22.94 13.26
C ARG A 106 2.34 23.65 12.65
N LYS A 107 2.44 24.01 11.37
CA LYS A 107 1.37 24.76 10.66
C LYS A 107 -0.03 24.13 10.71
#